data_7DNR
#
_entry.id   7DNR
#
_cell.length_a   70.099
_cell.length_b   67.889
_cell.length_c   73.952
_cell.angle_alpha   90.000
_cell.angle_beta   111.440
_cell.angle_gamma   90.000
#
_symmetry.space_group_name_H-M   'P 1 21 1'
#
loop_
_entity.id
_entity.type
_entity.pdbx_description
1 polymer 'Glutamine--fructose-6-phosphate aminotransferase [isomerizing]'
2 non-polymer 'ZINC ION'
3 water water
#
_entity_poly.entity_id   1
_entity_poly.type   'polypeptide(L)'
_entity_poly.pdbx_seq_one_letter_code
;DAGDKGIYRHYMQKEIYEQPNAIKNTLTGRISHGQVDLSELGPNADELLSKVEHIQILACGTSYNSGMVSRYWFESLAGI
PCDVEIASEFRYRKSAVRRNSLMITLSQSGETADTLAGLRLSKELGYLGSLAICNVPGSSLVRESDLALMTNAGTEIGVA
STKAFTTQLTVLLMLVAKLSRLKGLDASIEHDIVHGLQALPSRIEQMLSQDKRIEALAEDFSDKHHALFLGRGDQYPIAL
EGALKLKEISYIHAEAYAAGELKHGPLALIDADMPVIVVAPNNELLEKLKSNIEEVRARGGQLYVFADQDAGFVSSDNMH
IIEMPHVEEVIAPIFYTVPLQLLAYHVALIKGTDVDQPRNLAKSVTVE
;
_entity_poly.pdbx_strand_id   A,B
#
# COMPACT_ATOMS: atom_id res chain seq x y z
N GLY A 3 24.45 -3.17 -28.20
CA GLY A 3 24.44 -2.01 -27.34
C GLY A 3 25.82 -1.49 -26.96
N ASP A 4 26.13 -0.27 -27.39
CA ASP A 4 27.32 0.46 -26.99
C ASP A 4 26.92 1.68 -26.15
N LYS A 5 27.77 2.04 -25.19
CA LYS A 5 27.43 3.12 -24.27
C LYS A 5 27.49 4.49 -24.93
N GLY A 6 28.21 4.61 -26.03
CA GLY A 6 28.40 5.92 -26.63
C GLY A 6 29.22 6.81 -25.71
N ILE A 7 28.73 8.03 -25.53
CA ILE A 7 29.37 9.00 -24.62
C ILE A 7 29.08 8.73 -23.16
N TYR A 8 28.11 7.87 -22.84
CA TYR A 8 27.70 7.67 -21.46
C TYR A 8 28.73 6.79 -20.74
N ARG A 9 28.81 6.96 -19.42
CA ARG A 9 29.77 6.17 -18.65
C ARG A 9 29.20 4.86 -18.14
N HIS A 10 27.87 4.75 -18.07
CA HIS A 10 27.18 3.55 -17.63
C HIS A 10 25.91 3.38 -18.44
N TYR A 11 25.48 2.14 -18.59
CA TYR A 11 24.23 1.87 -19.31
C TYR A 11 23.05 2.48 -18.60
N MET A 12 23.02 2.43 -17.26
CA MET A 12 21.92 3.07 -16.55
C MET A 12 21.85 4.56 -16.87
N GLN A 13 23.01 5.22 -16.94
CA GLN A 13 23.03 6.64 -17.29
C GLN A 13 22.44 6.86 -18.67
N LYS A 14 22.90 6.06 -19.64
CA LYS A 14 22.36 6.11 -20.99
C LYS A 14 20.84 5.97 -20.98
N GLU A 15 20.35 4.99 -20.22
CA GLU A 15 18.93 4.67 -20.28
C GLU A 15 18.07 5.76 -19.64
N ILE A 16 18.58 6.44 -18.62
CA ILE A 16 17.86 7.59 -18.06
C ILE A 16 17.88 8.75 -19.05
N TYR A 17 19.06 9.07 -19.59
CA TYR A 17 19.17 10.21 -20.49
C TYR A 17 18.40 9.99 -21.80
N GLU A 18 18.20 8.73 -22.20
CA GLU A 18 17.50 8.40 -23.44
C GLU A 18 16.00 8.23 -23.27
N GLN A 19 15.45 8.59 -22.11
CA GLN A 19 14.01 8.51 -21.93
C GLN A 19 13.23 9.43 -22.87
N PRO A 20 13.69 10.64 -23.20
CA PRO A 20 13.01 11.40 -24.26
C PRO A 20 12.83 10.63 -25.56
N ASN A 21 13.88 9.94 -26.04
CA ASN A 21 13.75 9.16 -27.26
C ASN A 21 12.87 7.92 -27.02
N ALA A 22 13.01 7.30 -25.85
CA ALA A 22 12.21 6.12 -25.53
C ALA A 22 10.72 6.44 -25.53
N ILE A 23 10.36 7.57 -24.93
CA ILE A 23 8.97 7.98 -24.92
C ILE A 23 8.48 8.30 -26.33
N LYS A 24 9.31 8.99 -27.15
CA LYS A 24 8.87 9.24 -28.51
C LYS A 24 8.67 7.95 -29.30
N ASN A 25 9.50 6.93 -29.04
CA ASN A 25 9.29 5.62 -29.65
C ASN A 25 7.96 5.02 -29.18
N THR A 26 7.63 5.22 -27.91
CA THR A 26 6.37 4.69 -27.38
C THR A 26 5.16 5.35 -28.02
N LEU A 27 5.28 6.63 -28.39
CA LEU A 27 4.17 7.39 -28.97
C LEU A 27 4.04 7.20 -30.48
N THR A 28 5.07 6.67 -31.13
CA THR A 28 5.06 6.57 -32.59
C THR A 28 3.89 5.73 -33.07
N GLY A 29 3.19 6.23 -34.10
CA GLY A 29 2.05 5.55 -34.67
C GLY A 29 0.81 5.52 -33.80
N ARG A 30 0.87 6.08 -32.58
CA ARG A 30 -0.26 6.03 -31.66
C ARG A 30 -0.87 7.40 -31.40
N ILE A 31 -0.30 8.46 -31.95
CA ILE A 31 -0.85 9.81 -31.86
C ILE A 31 -1.08 10.27 -33.30
N SER A 32 -2.32 10.63 -33.61
CA SER A 32 -2.68 11.05 -34.96
C SER A 32 -3.73 12.14 -34.86
N HIS A 33 -3.37 13.34 -35.33
CA HIS A 33 -4.31 14.45 -35.41
C HIS A 33 -4.85 14.82 -34.02
N GLY A 34 -3.95 14.89 -33.05
CA GLY A 34 -4.32 15.31 -31.72
C GLY A 34 -5.14 14.31 -30.94
N GLN A 35 -5.24 13.08 -31.42
CA GLN A 35 -6.00 12.03 -30.74
C GLN A 35 -5.14 10.79 -30.61
N VAL A 36 -5.56 9.89 -29.72
CA VAL A 36 -4.87 8.63 -29.51
C VAL A 36 -5.37 7.61 -30.52
N ASP A 37 -4.44 6.91 -31.17
CA ASP A 37 -4.75 5.91 -32.19
C ASP A 37 -4.24 4.56 -31.71
N LEU A 38 -5.14 3.70 -31.22
CA LEU A 38 -4.80 2.36 -30.77
C LEU A 38 -5.32 1.30 -31.73
N SER A 39 -5.27 1.59 -33.04
CA SER A 39 -5.81 0.66 -34.02
C SER A 39 -4.98 -0.62 -34.11
N GLU A 40 -3.74 -0.60 -33.61
CA GLU A 40 -2.96 -1.82 -33.48
C GLU A 40 -3.69 -2.90 -32.68
N LEU A 41 -4.66 -2.52 -31.84
CA LEU A 41 -5.40 -3.50 -31.06
C LEU A 41 -6.36 -4.31 -31.91
N GLY A 42 -6.66 -3.86 -33.13
CA GLY A 42 -7.55 -4.55 -34.03
C GLY A 42 -8.96 -4.00 -34.02
N PRO A 43 -9.84 -4.45 -34.97
CA PRO A 43 -11.16 -3.80 -34.95
C PRO A 43 -12.14 -4.41 -33.97
N ASN A 44 -11.65 -5.21 -33.04
CA ASN A 44 -12.53 -5.86 -32.08
C ASN A 44 -12.30 -5.21 -30.72
N ALA A 45 -11.32 -4.32 -30.66
CA ALA A 45 -10.99 -3.69 -29.40
C ALA A 45 -12.07 -2.78 -28.85
N ASP A 46 -12.50 -1.79 -29.63
CA ASP A 46 -13.48 -0.83 -29.14
C ASP A 46 -14.72 -1.53 -28.62
N GLU A 47 -15.18 -2.57 -29.30
CA GLU A 47 -16.31 -3.36 -28.83
C GLU A 47 -16.14 -3.74 -27.37
N LEU A 48 -15.05 -4.46 -27.06
CA LEU A 48 -14.67 -4.79 -25.68
C LEU A 48 -14.44 -3.58 -24.80
N LEU A 49 -13.54 -2.68 -25.21
CA LEU A 49 -13.11 -1.63 -24.28
C LEU A 49 -14.27 -0.74 -23.87
N SER A 50 -15.21 -0.49 -24.77
CA SER A 50 -16.34 0.35 -24.39
C SER A 50 -17.32 -0.34 -23.43
N LYS A 51 -17.27 -1.71 -23.26
CA LYS A 51 -17.98 -2.39 -22.16
C LYS A 51 -17.42 -2.06 -20.77
N VAL A 52 -16.20 -1.56 -20.68
CA VAL A 52 -15.46 -1.63 -19.43
C VAL A 52 -16.07 -0.68 -18.39
N GLU A 53 -16.39 -1.23 -17.21
CA GLU A 53 -16.82 -0.44 -16.06
C GLU A 53 -15.85 -0.49 -14.89
N HIS A 54 -14.82 -1.33 -14.97
CA HIS A 54 -13.85 -1.44 -13.90
C HIS A 54 -12.53 -1.93 -14.50
N ILE A 55 -11.44 -1.47 -13.92
CA ILE A 55 -10.11 -1.89 -14.37
C ILE A 55 -9.39 -2.51 -13.17
N GLN A 56 -8.94 -3.74 -13.33
CA GLN A 56 -8.08 -4.41 -12.36
C GLN A 56 -6.67 -4.49 -12.92
N ILE A 57 -5.70 -3.90 -12.23
CA ILE A 57 -4.31 -3.96 -12.63
C ILE A 57 -3.58 -4.93 -11.72
N LEU A 58 -2.85 -5.86 -12.31
CA LEU A 58 -1.96 -6.75 -11.57
C LEU A 58 -0.52 -6.50 -12.00
N ALA A 59 0.37 -6.43 -11.01
CA ALA A 59 1.77 -6.12 -11.26
C ALA A 59 2.55 -6.36 -9.97
N CYS A 60 3.85 -6.10 -10.05
CA CYS A 60 4.72 -6.17 -8.89
C CYS A 60 5.89 -5.22 -9.13
N GLY A 61 6.54 -4.83 -8.05
CA GLY A 61 7.76 -4.07 -8.17
C GLY A 61 7.49 -2.73 -8.84
N THR A 62 8.41 -2.33 -9.72
CA THR A 62 8.27 -1.07 -10.42
C THR A 62 6.98 -1.02 -11.25
N SER A 63 6.55 -2.16 -11.81
CA SER A 63 5.31 -2.14 -12.59
C SER A 63 4.08 -1.91 -11.72
N TYR A 64 4.12 -2.34 -10.45
CA TYR A 64 3.05 -2.02 -9.52
C TYR A 64 2.97 -0.52 -9.27
N ASN A 65 4.13 0.13 -9.13
CA ASN A 65 4.14 1.57 -8.91
C ASN A 65 3.55 2.31 -10.10
N SER A 66 3.89 1.88 -11.32
CA SER A 66 3.27 2.53 -12.48
C SER A 66 1.76 2.30 -12.52
N GLY A 67 1.32 1.07 -12.21
CA GLY A 67 -0.12 0.83 -12.10
C GLY A 67 -0.79 1.76 -11.10
N MET A 68 -0.11 2.03 -9.98
CA MET A 68 -0.69 2.89 -8.95
C MET A 68 -0.88 4.31 -9.46
N VAL A 69 0.09 4.83 -10.22
CA VAL A 69 -0.10 6.14 -10.83
C VAL A 69 -1.36 6.14 -11.70
N SER A 70 -1.48 5.12 -12.56
CA SER A 70 -2.54 5.12 -13.56
C SER A 70 -3.93 5.08 -12.92
N ARG A 71 -4.03 4.49 -11.73
CA ARG A 71 -5.31 4.47 -11.04
C ARG A 71 -5.84 5.89 -10.83
N TYR A 72 -4.96 6.82 -10.44
CA TYR A 72 -5.42 8.21 -10.28
C TYR A 72 -5.94 8.75 -11.61
N TRP A 73 -5.24 8.44 -12.71
CA TRP A 73 -5.65 8.92 -14.04
C TRP A 73 -6.97 8.30 -14.45
N PHE A 74 -7.09 6.97 -14.31
CA PHE A 74 -8.30 6.30 -14.78
C PHE A 74 -9.53 6.84 -14.06
N GLU A 75 -9.42 7.04 -12.75
CA GLU A 75 -10.57 7.53 -12.00
C GLU A 75 -10.82 9.01 -12.24
N SER A 76 -9.76 9.84 -12.25
CA SER A 76 -9.98 11.28 -12.32
C SER A 76 -10.27 11.77 -13.74
N LEU A 77 -9.63 11.16 -14.75
CA LEU A 77 -9.80 11.63 -16.13
C LEU A 77 -10.82 10.83 -16.92
N ALA A 78 -10.78 9.50 -16.82
CA ALA A 78 -11.71 8.64 -17.52
C ALA A 78 -12.92 8.25 -16.69
N GLY A 79 -12.89 8.54 -15.39
CA GLY A 79 -14.00 8.23 -14.51
C GLY A 79 -14.24 6.75 -14.31
N ILE A 80 -13.24 5.91 -14.57
CA ILE A 80 -13.43 4.46 -14.53
C ILE A 80 -12.85 3.95 -13.21
N PRO A 81 -13.63 3.27 -12.37
CA PRO A 81 -13.06 2.66 -11.17
C PRO A 81 -11.88 1.77 -11.52
N CYS A 82 -10.84 1.86 -10.69
CA CYS A 82 -9.61 1.15 -10.95
C CYS A 82 -9.00 0.69 -9.64
N ASP A 83 -8.54 -0.55 -9.62
CA ASP A 83 -7.85 -1.11 -8.46
C ASP A 83 -6.53 -1.72 -8.93
N VAL A 84 -5.50 -1.60 -8.10
CA VAL A 84 -4.17 -2.12 -8.39
C VAL A 84 -3.79 -3.05 -7.25
N GLU A 85 -3.31 -4.25 -7.59
CA GLU A 85 -2.95 -5.21 -6.57
C GLU A 85 -1.64 -5.87 -6.95
N ILE A 86 -0.81 -6.12 -5.92
CA ILE A 86 0.37 -6.96 -6.07
C ILE A 86 -0.05 -8.35 -6.50
N ALA A 87 0.59 -8.88 -7.55
CA ALA A 87 0.13 -10.14 -8.14
C ALA A 87 0.26 -11.31 -7.15
N SER A 88 1.32 -11.32 -6.33
CA SER A 88 1.53 -12.43 -5.42
C SER A 88 0.43 -12.54 -4.37
N GLU A 89 -0.27 -11.45 -4.09
CA GLU A 89 -1.37 -11.47 -3.14
C GLU A 89 -2.68 -11.79 -3.84
N PHE A 90 -2.86 -11.26 -5.05
CA PHE A 90 -4.09 -11.52 -5.79
C PHE A 90 -4.24 -13.00 -6.14
N ARG A 91 -3.14 -13.65 -6.58
CA ARG A 91 -3.27 -14.98 -7.15
C ARG A 91 -3.72 -16.03 -6.14
N TYR A 92 -3.58 -15.78 -4.85
CA TYR A 92 -3.96 -16.79 -3.85
C TYR A 92 -5.18 -16.40 -3.02
N ARG A 93 -5.76 -15.22 -3.25
CA ARG A 93 -6.86 -14.80 -2.42
C ARG A 93 -8.17 -14.90 -3.19
N LYS A 94 -9.23 -15.22 -2.46
CA LYS A 94 -10.57 -15.25 -3.02
C LYS A 94 -11.08 -13.81 -3.07
N SER A 95 -11.13 -13.25 -4.29
CA SER A 95 -11.50 -11.86 -4.52
C SER A 95 -12.95 -11.75 -4.95
N ALA A 96 -13.50 -10.55 -4.84
CA ALA A 96 -14.88 -10.29 -5.23
C ALA A 96 -14.95 -9.96 -6.71
N VAL A 97 -16.05 -10.37 -7.34
CA VAL A 97 -16.28 -10.11 -8.75
C VAL A 97 -16.65 -8.63 -8.91
N ARG A 98 -15.89 -7.89 -9.72
CA ARG A 98 -16.36 -6.58 -10.18
C ARG A 98 -17.02 -6.74 -11.55
N ARG A 99 -18.12 -6.02 -11.73
CA ARG A 99 -18.87 -6.11 -12.98
C ARG A 99 -18.08 -5.51 -14.15
N ASN A 100 -18.08 -6.23 -15.27
CA ASN A 100 -17.49 -5.75 -16.51
C ASN A 100 -16.07 -5.21 -16.28
N SER A 101 -15.22 -6.10 -15.77
CA SER A 101 -13.87 -5.71 -15.35
C SER A 101 -12.86 -6.08 -16.43
N LEU A 102 -11.97 -5.14 -16.74
CA LEU A 102 -10.84 -5.38 -17.63
C LEU A 102 -9.62 -5.69 -16.78
N MET A 103 -8.99 -6.82 -17.05
CA MET A 103 -7.76 -7.20 -16.37
C MET A 103 -6.57 -6.65 -17.16
N ILE A 104 -5.77 -5.79 -16.55
CA ILE A 104 -4.55 -5.26 -17.16
C ILE A 104 -3.36 -5.82 -16.41
N THR A 105 -2.40 -6.39 -17.14
CA THR A 105 -1.16 -6.83 -16.55
C THR A 105 -0.02 -5.92 -17.01
N LEU A 106 0.86 -5.56 -16.07
CA LEU A 106 2.05 -4.77 -16.36
C LEU A 106 3.29 -5.60 -16.04
N SER A 107 4.19 -5.74 -17.02
CA SER A 107 5.38 -6.56 -16.86
C SER A 107 6.42 -6.09 -17.87
N GLN A 108 7.70 -6.14 -17.52
CA GLN A 108 8.56 -5.73 -18.62
C GLN A 108 8.87 -6.93 -19.51
N SER A 109 9.11 -8.08 -18.89
CA SER A 109 9.50 -9.30 -19.57
C SER A 109 8.31 -10.05 -20.19
N GLY A 110 7.11 -9.90 -19.61
CA GLY A 110 5.99 -10.73 -20.02
C GLY A 110 6.02 -12.16 -19.51
N GLU A 111 6.96 -12.49 -18.63
CA GLU A 111 7.07 -13.83 -18.06
C GLU A 111 7.04 -13.83 -16.53
N THR A 112 6.68 -12.70 -15.92
CA THR A 112 6.69 -12.59 -14.47
C THR A 112 5.65 -13.53 -13.87
N ALA A 113 6.12 -14.46 -13.03
CA ALA A 113 5.35 -15.66 -12.68
C ALA A 113 4.02 -15.33 -12.00
N ASP A 114 4.07 -14.48 -10.98
CA ASP A 114 2.85 -14.21 -10.21
C ASP A 114 1.83 -13.45 -11.05
N THR A 115 2.31 -12.52 -11.88
CA THR A 115 1.44 -11.78 -12.78
C THR A 115 0.82 -12.71 -13.84
N LEU A 116 1.63 -13.59 -14.41
CA LEU A 116 1.12 -14.56 -15.37
C LEU A 116 0.16 -15.53 -14.69
N ALA A 117 0.50 -15.98 -13.48
CA ALA A 117 -0.42 -16.81 -12.72
C ALA A 117 -1.72 -16.06 -12.44
N GLY A 118 -1.64 -14.75 -12.20
CA GLY A 118 -2.85 -13.97 -11.98
C GLY A 118 -3.72 -13.87 -13.22
N LEU A 119 -3.09 -13.72 -14.39
CA LEU A 119 -3.83 -13.68 -15.63
C LEU A 119 -4.51 -15.02 -15.91
N ARG A 120 -3.79 -16.12 -15.67
CA ARG A 120 -4.36 -17.45 -15.91
C ARG A 120 -5.52 -17.75 -14.95
N LEU A 121 -5.57 -17.05 -13.81
CA LEU A 121 -6.71 -17.16 -12.89
C LEU A 121 -7.89 -16.29 -13.34
N SER A 122 -7.60 -15.09 -13.85
CA SER A 122 -8.64 -14.21 -14.35
C SER A 122 -9.51 -14.88 -15.41
N LYS A 123 -8.97 -15.87 -16.13
CA LYS A 123 -9.75 -16.56 -17.14
C LYS A 123 -10.96 -17.26 -16.54
N GLU A 124 -10.81 -17.73 -15.32
CA GLU A 124 -11.75 -18.59 -14.64
C GLU A 124 -12.70 -17.83 -13.72
N LEU A 125 -12.51 -16.51 -13.58
CA LEU A 125 -13.35 -15.67 -12.73
C LEU A 125 -14.29 -14.75 -13.53
N GLY A 126 -14.27 -14.79 -14.85
CA GLY A 126 -15.24 -14.05 -15.62
C GLY A 126 -15.00 -12.56 -15.78
N TYR A 127 -13.75 -12.13 -15.87
CA TYR A 127 -13.48 -10.77 -16.33
C TYR A 127 -13.97 -10.61 -17.75
N LEU A 128 -14.30 -9.37 -18.14
CA LEU A 128 -14.61 -9.11 -19.55
C LEU A 128 -13.48 -9.57 -20.47
N GLY A 129 -12.25 -9.30 -20.09
CA GLY A 129 -11.12 -9.55 -20.96
C GLY A 129 -9.84 -9.08 -20.31
N SER A 130 -8.75 -9.18 -21.07
CA SER A 130 -7.42 -8.90 -20.52
C SER A 130 -6.59 -8.12 -21.54
N LEU A 131 -5.79 -7.21 -21.01
CA LEU A 131 -4.87 -6.41 -21.81
C LEU A 131 -3.50 -6.46 -21.16
N ALA A 132 -2.48 -6.79 -21.94
CA ALA A 132 -1.12 -6.87 -21.43
C ALA A 132 -0.37 -5.62 -21.89
N ILE A 133 0.29 -4.94 -20.94
CA ILE A 133 1.24 -3.88 -21.27
C ILE A 133 2.63 -4.40 -20.95
N CYS A 134 3.45 -4.52 -21.99
CA CYS A 134 4.64 -5.34 -21.92
C CYS A 134 5.70 -4.76 -22.85
N ASN A 135 6.95 -5.13 -22.63
CA ASN A 135 8.05 -4.72 -23.51
C ASN A 135 8.55 -5.83 -24.43
N VAL A 136 8.12 -7.08 -24.22
CA VAL A 136 8.62 -8.20 -25.02
C VAL A 136 7.49 -8.85 -25.82
N PRO A 137 7.46 -8.68 -27.13
CA PRO A 137 6.41 -9.31 -27.93
C PRO A 137 6.58 -10.82 -27.91
N GLY A 138 5.47 -11.52 -28.08
CA GLY A 138 5.50 -12.96 -28.04
C GLY A 138 5.71 -13.58 -26.66
N SER A 139 5.80 -12.77 -25.61
CA SER A 139 5.92 -13.33 -24.28
C SER A 139 4.61 -13.98 -23.85
N SER A 140 4.67 -14.74 -22.77
CA SER A 140 3.50 -15.46 -22.29
C SER A 140 2.35 -14.51 -21.94
N LEU A 141 2.65 -13.40 -21.26
CA LEU A 141 1.58 -12.49 -20.89
C LEU A 141 0.93 -11.87 -22.12
N VAL A 142 1.71 -11.63 -23.17
CA VAL A 142 1.15 -11.06 -24.39
C VAL A 142 0.34 -12.11 -25.15
N ARG A 143 0.90 -13.31 -25.30
CA ARG A 143 0.21 -14.37 -26.01
C ARG A 143 -1.13 -14.72 -25.36
N GLU A 144 -1.14 -14.77 -24.03
CA GLU A 144 -2.33 -15.26 -23.34
C GLU A 144 -3.31 -14.15 -22.99
N SER A 145 -3.06 -12.92 -23.41
CA SER A 145 -4.00 -11.82 -23.15
C SER A 145 -4.84 -11.55 -24.39
N ASP A 146 -6.05 -11.01 -24.15
CA ASP A 146 -6.92 -10.67 -25.26
C ASP A 146 -6.31 -9.58 -26.13
N LEU A 147 -5.73 -8.56 -25.50
CA LEU A 147 -5.17 -7.41 -26.19
C LEU A 147 -3.79 -7.14 -25.63
N ALA A 148 -2.96 -6.45 -26.41
CA ALA A 148 -1.61 -6.16 -25.94
C ALA A 148 -1.12 -4.85 -26.52
N LEU A 149 -0.40 -4.09 -25.70
CA LEU A 149 0.21 -2.82 -26.10
C LEU A 149 1.68 -2.85 -25.69
N MET A 150 2.58 -2.85 -26.67
CA MET A 150 4.01 -2.86 -26.37
C MET A 150 4.51 -1.46 -26.02
N THR A 151 5.45 -1.39 -25.07
CA THR A 151 6.04 -0.12 -24.63
C THR A 151 7.14 0.41 -25.55
N ASN A 152 7.75 -0.43 -26.39
CA ASN A 152 8.83 0.00 -27.31
C ASN A 152 9.98 0.70 -26.58
N ALA A 153 10.34 0.19 -25.40
CA ALA A 153 11.39 0.79 -24.59
C ALA A 153 12.80 0.33 -24.95
N GLY A 154 12.96 -0.72 -25.74
CA GLY A 154 14.27 -1.26 -26.01
C GLY A 154 14.81 -2.04 -24.82
N THR A 155 16.07 -2.44 -24.92
CA THR A 155 16.71 -3.27 -23.90
C THR A 155 17.32 -2.40 -22.81
N GLU A 156 17.14 -2.80 -21.56
CA GLU A 156 17.80 -2.16 -20.41
C GLU A 156 18.93 -3.06 -19.91
N ILE A 157 20.09 -2.45 -19.69
CA ILE A 157 21.22 -3.13 -19.06
C ILE A 157 21.45 -2.65 -17.63
N GLY A 158 20.92 -1.49 -17.24
CA GLY A 158 20.97 -1.11 -15.83
C GLY A 158 20.30 -2.14 -14.95
N VAL A 159 20.73 -2.18 -13.69
CA VAL A 159 20.22 -3.19 -12.75
C VAL A 159 18.76 -2.94 -12.37
N ALA A 160 18.26 -1.74 -12.57
CA ALA A 160 16.86 -1.44 -12.34
C ALA A 160 16.30 -0.71 -13.56
N SER A 161 14.98 -0.74 -13.67
CA SER A 161 14.32 -0.23 -14.87
C SER A 161 14.11 1.27 -14.76
N THR A 162 14.50 2.00 -15.81
CA THR A 162 14.26 3.44 -15.87
C THR A 162 13.28 3.74 -17.00
N LYS A 163 13.73 3.66 -18.25
CA LYS A 163 12.83 3.92 -19.36
C LYS A 163 11.70 2.90 -19.42
N ALA A 164 11.86 1.73 -18.80
CA ALA A 164 10.76 0.76 -18.79
C ALA A 164 9.59 1.23 -17.95
N PHE A 165 9.86 2.05 -16.93
CA PHE A 165 8.81 2.58 -16.07
C PHE A 165 8.07 3.73 -16.74
N THR A 166 8.82 4.67 -17.31
CA THR A 166 8.19 5.83 -17.90
C THR A 166 7.43 5.47 -19.18
N THR A 167 7.91 4.47 -19.94
CA THR A 167 7.20 4.05 -21.15
C THR A 167 5.90 3.30 -20.81
N GLN A 168 5.88 2.53 -19.70
CA GLN A 168 4.62 1.97 -19.24
C GLN A 168 3.61 3.05 -18.88
N LEU A 169 4.04 4.03 -18.08
CA LEU A 169 3.16 5.14 -17.73
C LEU A 169 2.62 5.83 -18.98
N THR A 170 3.49 5.98 -19.99
CA THR A 170 3.08 6.61 -21.24
C THR A 170 1.96 5.82 -21.93
N VAL A 171 2.14 4.49 -22.00
CA VAL A 171 1.10 3.65 -22.59
C VAL A 171 -0.18 3.72 -21.76
N LEU A 172 -0.05 3.64 -20.44
CA LEU A 172 -1.24 3.71 -19.57
C LEU A 172 -1.99 5.01 -19.80
N LEU A 173 -1.27 6.13 -19.94
CA LEU A 173 -1.92 7.42 -20.14
C LEU A 173 -2.63 7.49 -21.50
N MET A 174 -2.05 6.88 -22.54
CA MET A 174 -2.75 6.80 -23.83
C MET A 174 -4.03 5.98 -23.71
N LEU A 175 -4.00 4.90 -22.91
CA LEU A 175 -5.21 4.11 -22.73
C LEU A 175 -6.27 4.87 -21.95
N VAL A 176 -5.86 5.70 -20.98
CA VAL A 176 -6.82 6.59 -20.30
C VAL A 176 -7.54 7.45 -21.33
N ALA A 177 -6.77 8.11 -22.19
CA ALA A 177 -7.35 8.99 -23.21
C ALA A 177 -8.28 8.23 -24.16
N LYS A 178 -7.88 7.03 -24.58
CA LYS A 178 -8.73 6.24 -25.47
C LYS A 178 -10.03 5.85 -24.77
N LEU A 179 -9.93 5.39 -23.51
CA LEU A 179 -11.13 5.00 -22.78
C LEU A 179 -12.04 6.19 -22.52
N SER A 180 -11.47 7.36 -22.24
CA SER A 180 -12.28 8.56 -22.03
C SER A 180 -13.12 8.88 -23.27
N ARG A 181 -12.57 8.67 -24.46
CA ARG A 181 -13.33 8.86 -25.69
C ARG A 181 -14.39 7.78 -25.87
N LEU A 182 -14.01 6.51 -25.64
CA LEU A 182 -14.95 5.42 -25.81
C LEU A 182 -16.19 5.60 -24.94
N LYS A 183 -16.03 6.30 -23.80
CA LYS A 183 -17.15 6.54 -22.90
C LYS A 183 -17.97 7.78 -23.26
N GLY A 184 -17.58 8.51 -24.30
CA GLY A 184 -18.34 9.70 -24.64
C GLY A 184 -18.02 10.92 -23.79
N LEU A 185 -16.93 10.88 -23.04
CA LEU A 185 -16.54 12.05 -22.26
C LEU A 185 -16.03 13.16 -23.19
N ASP A 186 -15.83 14.34 -22.59
CA ASP A 186 -15.40 15.51 -23.34
C ASP A 186 -14.09 15.20 -24.07
N ALA A 187 -14.05 15.56 -25.36
CA ALA A 187 -12.85 15.34 -26.17
C ALA A 187 -11.66 16.15 -25.66
N SER A 188 -11.90 17.16 -24.82
CA SER A 188 -10.80 17.95 -24.27
C SER A 188 -9.89 17.12 -23.37
N ILE A 189 -10.43 16.06 -22.74
CA ILE A 189 -9.59 15.22 -21.89
C ILE A 189 -8.51 14.55 -22.73
N GLU A 190 -8.91 13.86 -23.81
CA GLU A 190 -7.93 13.28 -24.72
C GLU A 190 -7.01 14.35 -25.29
N HIS A 191 -7.56 15.52 -25.62
CA HIS A 191 -6.75 16.59 -26.21
C HIS A 191 -5.63 17.01 -25.25
N ASP A 192 -5.97 17.18 -23.97
CA ASP A 192 -4.97 17.63 -23.00
C ASP A 192 -3.95 16.54 -22.70
N ILE A 193 -4.40 15.29 -22.62
CA ILE A 193 -3.46 14.19 -22.44
C ILE A 193 -2.46 14.14 -23.59
N VAL A 194 -2.97 14.18 -24.82
CA VAL A 194 -2.09 14.13 -26.01
C VAL A 194 -1.14 15.32 -26.03
N HIS A 195 -1.65 16.49 -25.64
CA HIS A 195 -0.79 17.67 -25.56
C HIS A 195 0.35 17.45 -24.58
N GLY A 196 0.06 16.86 -23.42
CA GLY A 196 1.12 16.63 -22.45
C GLY A 196 2.12 15.58 -22.92
N LEU A 197 1.63 14.50 -23.51
CA LEU A 197 2.53 13.46 -24.00
C LEU A 197 3.43 13.99 -25.11
N GLN A 198 2.90 14.89 -25.94
CA GLN A 198 3.72 15.44 -27.01
C GLN A 198 4.82 16.35 -26.46
N ALA A 199 4.58 16.97 -25.31
CA ALA A 199 5.57 17.84 -24.68
C ALA A 199 6.57 17.08 -23.81
N LEU A 200 6.22 15.88 -23.34
CA LEU A 200 7.03 15.21 -22.32
C LEU A 200 8.49 14.96 -22.71
N PRO A 201 8.82 14.52 -23.94
CA PRO A 201 10.26 14.34 -24.25
C PRO A 201 11.07 15.61 -24.09
N SER A 202 10.58 16.75 -24.58
CA SER A 202 11.30 18.00 -24.40
C SER A 202 11.34 18.43 -22.94
N ARG A 203 10.27 18.18 -22.17
CA ARG A 203 10.30 18.53 -20.75
C ARG A 203 11.40 17.76 -20.02
N ILE A 204 11.51 16.46 -20.29
CA ILE A 204 12.57 15.65 -19.68
C ILE A 204 13.94 16.16 -20.10
N GLU A 205 14.12 16.47 -21.40
CA GLU A 205 15.37 17.06 -21.85
C GLU A 205 15.68 18.35 -21.08
N GLN A 206 14.64 19.13 -20.75
CA GLN A 206 14.85 20.35 -19.99
C GLN A 206 15.40 20.07 -18.59
N MET A 207 14.81 19.11 -17.86
CA MET A 207 15.32 19.02 -16.50
C MET A 207 16.65 18.27 -16.41
N LEU A 208 17.01 17.48 -17.42
CA LEU A 208 18.31 16.80 -17.40
C LEU A 208 19.44 17.79 -17.20
N SER A 209 19.24 19.07 -17.55
CA SER A 209 20.22 20.10 -17.24
C SER A 209 20.48 20.23 -15.75
N GLN A 210 19.53 19.81 -14.91
CA GLN A 210 19.70 19.84 -13.45
C GLN A 210 20.50 18.65 -12.95
N ASP A 211 20.96 17.77 -13.83
CA ASP A 211 21.65 16.57 -13.38
C ASP A 211 22.87 16.90 -12.54
N LYS A 212 23.63 17.91 -12.90
CA LYS A 212 24.83 17.88 -12.06
C LYS A 212 24.52 18.42 -10.65
N ARG A 213 23.50 19.27 -10.50
CA ARG A 213 22.98 19.63 -9.19
C ARG A 213 22.59 18.40 -8.37
N ILE A 214 21.91 17.44 -8.98
CA ILE A 214 21.50 16.23 -8.24
C ILE A 214 22.72 15.42 -7.84
N GLU A 215 23.72 15.35 -8.74
CA GLU A 215 24.95 14.62 -8.44
C GLU A 215 25.69 15.22 -7.24
N ALA A 216 25.79 16.55 -7.17
CA ALA A 216 26.41 17.18 -6.02
C ALA A 216 25.60 16.91 -4.74
N LEU A 217 24.28 16.99 -4.82
CA LEU A 217 23.48 16.76 -3.61
C LEU A 217 23.56 15.31 -3.17
N ALA A 218 23.75 14.39 -4.12
CA ALA A 218 23.88 12.98 -3.77
C ALA A 218 25.05 12.74 -2.81
N GLU A 219 26.04 13.63 -2.82
CA GLU A 219 27.18 13.46 -1.91
C GLU A 219 26.74 13.49 -0.46
N ASP A 220 25.61 14.17 -0.16
CA ASP A 220 25.10 14.21 1.21
C ASP A 220 24.65 12.84 1.67
N PHE A 221 24.43 11.92 0.75
CA PHE A 221 23.99 10.57 1.09
C PHE A 221 25.15 9.65 1.39
N SER A 222 26.39 10.17 1.37
CA SER A 222 27.56 9.30 1.38
C SER A 222 27.68 8.51 2.68
N ASP A 223 27.35 9.14 3.82
CA ASP A 223 27.45 8.52 5.13
C ASP A 223 26.08 8.10 5.69
N LYS A 224 25.05 8.08 4.85
CA LYS A 224 23.71 7.74 5.29
C LYS A 224 23.35 6.34 4.82
N HIS A 225 22.40 5.71 5.54
CA HIS A 225 21.86 4.43 5.09
C HIS A 225 20.35 4.33 5.31
N HIS A 226 19.68 5.45 5.50
CA HIS A 226 18.23 5.54 5.49
C HIS A 226 17.81 6.71 4.62
N ALA A 227 16.58 6.62 4.12
CA ALA A 227 16.00 7.76 3.43
C ALA A 227 14.49 7.65 3.47
N LEU A 228 13.85 8.81 3.42
CA LEU A 228 12.40 8.91 3.43
C LEU A 228 11.97 9.67 2.18
N PHE A 229 11.01 9.13 1.45
CA PHE A 229 10.45 9.76 0.26
C PHE A 229 8.99 10.12 0.51
N LEU A 230 8.62 11.36 0.19
CA LEU A 230 7.25 11.82 0.39
C LEU A 230 6.64 12.28 -0.93
N GLY A 231 5.35 11.98 -1.09
CA GLY A 231 4.55 12.60 -2.14
C GLY A 231 3.08 12.47 -1.80
N ARG A 232 2.25 13.21 -2.53
CA ARG A 232 0.81 13.26 -2.37
C ARG A 232 0.12 13.12 -3.71
N GLY A 233 -1.11 12.60 -3.66
CA GLY A 233 -1.88 12.45 -4.88
C GLY A 233 -1.18 11.48 -5.81
N ASP A 234 -1.22 11.78 -7.11
CA ASP A 234 -0.59 10.91 -8.09
C ASP A 234 0.92 10.94 -8.02
N GLN A 235 1.52 11.78 -7.14
CA GLN A 235 2.94 11.70 -6.87
C GLN A 235 3.30 10.72 -5.76
N TYR A 236 2.33 10.25 -4.97
CA TYR A 236 2.68 9.25 -3.96
C TYR A 236 3.31 8.00 -4.57
N PRO A 237 2.78 7.41 -5.65
CA PRO A 237 3.47 6.28 -6.29
C PRO A 237 4.82 6.65 -6.91
N ILE A 238 5.06 7.94 -7.21
CA ILE A 238 6.38 8.36 -7.68
C ILE A 238 7.37 8.33 -6.53
N ALA A 239 6.92 8.75 -5.34
CA ALA A 239 7.76 8.59 -4.15
C ALA A 239 8.05 7.11 -3.87
N LEU A 240 7.04 6.26 -3.97
CA LEU A 240 7.23 4.82 -3.79
C LEU A 240 8.29 4.29 -4.76
N GLU A 241 8.23 4.73 -6.02
CA GLU A 241 9.20 4.30 -7.02
C GLU A 241 10.58 4.87 -6.74
N GLY A 242 10.65 6.13 -6.29
CA GLY A 242 11.93 6.70 -5.92
C GLY A 242 12.62 5.90 -4.83
N ALA A 243 11.87 5.50 -3.81
CA ALA A 243 12.43 4.73 -2.71
C ALA A 243 12.85 3.33 -3.15
N LEU A 244 11.99 2.68 -3.97
CA LEU A 244 12.36 1.38 -4.51
C LEU A 244 13.66 1.45 -5.28
N LYS A 245 13.83 2.51 -6.10
CA LYS A 245 15.05 2.67 -6.87
C LYS A 245 16.26 2.78 -5.97
N LEU A 246 16.18 3.69 -4.99
CA LEU A 246 17.33 3.92 -4.11
C LEU A 246 17.69 2.65 -3.36
N LYS A 247 16.70 1.88 -2.96
CA LYS A 247 16.94 0.67 -2.18
C LYS A 247 17.54 -0.44 -3.04
N GLU A 248 17.00 -0.64 -4.25
CA GLU A 248 17.48 -1.70 -5.13
C GLU A 248 18.90 -1.45 -5.61
N ILE A 249 19.28 -0.19 -5.81
CA ILE A 249 20.50 0.14 -6.53
C ILE A 249 21.59 0.56 -5.54
N SER A 250 21.20 1.18 -4.41
CA SER A 250 22.18 1.72 -3.48
C SER A 250 22.22 1.01 -2.13
N TYR A 251 21.26 0.14 -1.85
CA TYR A 251 21.16 -0.61 -0.60
C TYR A 251 20.85 0.28 0.60
N ILE A 252 20.35 1.49 0.36
CA ILE A 252 19.85 2.35 1.42
C ILE A 252 18.46 1.88 1.84
N HIS A 253 18.22 1.86 3.16
CA HIS A 253 16.90 1.57 3.73
C HIS A 253 15.98 2.75 3.43
N ALA A 254 15.40 2.74 2.23
CA ALA A 254 14.58 3.84 1.75
C ALA A 254 13.12 3.41 1.76
N GLU A 255 12.26 4.28 2.28
CA GLU A 255 10.83 3.99 2.29
C GLU A 255 10.09 5.28 1.94
N ALA A 256 8.82 5.12 1.56
CA ALA A 256 8.01 6.22 1.08
C ALA A 256 6.72 6.28 1.89
N TYR A 257 6.22 7.49 2.12
CA TYR A 257 4.93 7.69 2.77
C TYR A 257 4.12 8.73 2.00
N ALA A 258 2.80 8.53 2.01
CA ALA A 258 1.92 9.63 1.63
C ALA A 258 2.18 10.80 2.58
N ALA A 259 2.40 11.98 2.02
CA ALA A 259 2.95 13.05 2.84
C ALA A 259 1.99 13.54 3.94
N GLY A 260 0.70 13.30 3.80
CA GLY A 260 -0.26 13.71 4.82
C GLY A 260 -0.42 12.74 5.97
N GLU A 261 0.53 11.80 6.13
CA GLU A 261 0.41 10.75 7.13
C GLU A 261 1.66 10.63 7.99
N LEU A 262 2.44 11.70 8.09
CA LEU A 262 3.75 11.63 8.74
C LEU A 262 3.64 11.37 10.22
N LYS A 263 2.50 11.74 10.80
CA LYS A 263 2.28 11.72 12.23
C LYS A 263 2.06 10.32 12.77
N HIS A 264 2.11 9.29 11.90
CA HIS A 264 1.96 7.89 12.30
C HIS A 264 3.26 7.10 12.20
N GLY A 265 4.29 7.53 12.93
CA GLY A 265 5.52 6.79 12.97
C GLY A 265 6.72 7.55 12.43
N PRO A 266 6.74 7.79 11.12
CA PRO A 266 7.93 8.42 10.50
C PRO A 266 8.43 9.66 11.21
N LEU A 267 7.51 10.53 11.64
CA LEU A 267 7.92 11.82 12.21
C LEU A 267 8.85 11.63 13.42
N ALA A 268 8.54 10.64 14.26
CA ALA A 268 9.37 10.40 15.44
C ALA A 268 10.80 10.01 15.06
N LEU A 269 10.98 9.26 13.97
CA LEU A 269 12.30 8.81 13.56
C LEU A 269 13.06 9.85 12.74
N ILE A 270 12.40 10.92 12.31
CA ILE A 270 13.06 11.94 11.52
C ILE A 270 13.98 12.75 12.43
N ASP A 271 15.26 12.78 12.09
CA ASP A 271 16.24 13.58 12.81
C ASP A 271 17.17 14.20 11.78
N ALA A 272 18.26 14.81 12.26
CA ALA A 272 19.21 15.43 11.36
C ALA A 272 19.96 14.41 10.49
N ASP A 273 19.89 13.12 10.83
CA ASP A 273 20.56 12.08 10.07
C ASP A 273 19.63 11.39 9.07
N MET A 274 18.42 11.92 8.87
CA MET A 274 17.45 11.34 7.95
C MET A 274 17.26 12.24 6.73
N PRO A 275 17.70 11.85 5.54
CA PRO A 275 17.38 12.62 4.33
C PRO A 275 15.95 12.35 3.91
N VAL A 276 15.21 13.41 3.62
CA VAL A 276 13.81 13.32 3.21
C VAL A 276 13.70 13.91 1.83
N ILE A 277 13.29 13.11 0.87
CA ILE A 277 13.20 13.51 -0.53
C ILE A 277 11.74 13.73 -0.87
N VAL A 278 11.43 14.89 -1.48
CA VAL A 278 10.05 15.26 -1.77
C VAL A 278 9.92 15.70 -3.22
N VAL A 279 8.86 15.23 -3.89
CA VAL A 279 8.51 15.74 -5.21
C VAL A 279 7.33 16.70 -5.06
N ALA A 280 7.49 17.90 -5.61
CA ALA A 280 6.57 19.01 -5.34
C ALA A 280 6.19 19.74 -6.61
N PRO A 281 5.31 19.15 -7.42
CA PRO A 281 4.77 19.90 -8.57
C PRO A 281 3.90 21.06 -8.10
N ASN A 282 3.69 22.00 -9.01
CA ASN A 282 2.90 23.21 -8.72
C ASN A 282 1.44 22.90 -9.06
N ASN A 283 0.72 22.32 -8.10
CA ASN A 283 -0.67 21.92 -8.34
C ASN A 283 -1.52 22.28 -7.11
N GLU A 284 -2.75 21.72 -7.07
CA GLU A 284 -3.71 22.02 -6.02
C GLU A 284 -3.28 21.49 -4.66
N LEU A 285 -2.34 20.55 -4.64
CA LEU A 285 -1.89 19.93 -3.40
C LEU A 285 -0.64 20.60 -2.81
N LEU A 286 -0.11 21.64 -3.48
CA LEU A 286 1.19 22.20 -3.12
C LEU A 286 1.16 22.80 -1.70
N GLU A 287 0.16 23.62 -1.39
CA GLU A 287 0.17 24.28 -0.08
C GLU A 287 0.09 23.25 1.05
N LYS A 288 -0.75 22.23 0.89
CA LYS A 288 -0.81 21.12 1.86
C LYS A 288 0.53 20.41 1.98
N LEU A 289 1.19 20.16 0.84
CA LEU A 289 2.51 19.53 0.86
C LEU A 289 3.51 20.40 1.61
N LYS A 290 3.44 21.73 1.41
CA LYS A 290 4.32 22.63 2.14
C LYS A 290 4.13 22.48 3.64
N SER A 291 2.90 22.25 4.08
CA SER A 291 2.64 21.99 5.50
C SER A 291 3.32 20.69 5.95
N ASN A 292 3.25 19.64 5.12
CA ASN A 292 3.94 18.40 5.44
C ASN A 292 5.45 18.60 5.44
N ILE A 293 5.96 19.38 4.49
CA ILE A 293 7.40 19.62 4.43
C ILE A 293 7.86 20.36 5.68
N GLU A 294 7.04 21.28 6.17
CA GLU A 294 7.37 22.02 7.40
C GLU A 294 7.44 21.10 8.60
N GLU A 295 6.54 20.10 8.67
CA GLU A 295 6.62 19.11 9.75
C GLU A 295 8.01 18.52 9.84
N VAL A 296 8.55 18.12 8.69
CA VAL A 296 9.88 17.50 8.63
C VAL A 296 10.96 18.53 8.92
N ARG A 297 10.82 19.74 8.39
CA ARG A 297 11.85 20.77 8.58
C ARG A 297 11.98 21.12 10.06
N ALA A 298 10.85 21.43 10.71
CA ALA A 298 10.87 21.82 12.11
C ALA A 298 11.37 20.70 13.00
N ARG A 299 11.44 19.49 12.46
CA ARG A 299 11.85 18.32 13.20
C ARG A 299 13.29 17.91 12.89
N GLY A 300 14.02 18.75 12.13
CA GLY A 300 15.44 18.56 11.90
C GLY A 300 15.80 17.83 10.61
N GLY A 301 14.82 17.24 9.91
CA GLY A 301 15.08 16.49 8.69
C GLY A 301 15.89 17.26 7.67
N GLN A 302 16.69 16.55 6.87
CA GLN A 302 17.44 17.15 5.78
C GLN A 302 16.61 16.96 4.51
N LEU A 303 16.07 18.06 3.99
CA LEU A 303 15.07 18.02 2.94
C LEU A 303 15.70 18.23 1.57
N TYR A 304 15.34 17.35 0.63
CA TYR A 304 15.75 17.46 -0.78
C TYR A 304 14.46 17.53 -1.59
N VAL A 305 14.12 18.72 -2.07
CA VAL A 305 12.79 19.01 -2.61
C VAL A 305 12.94 19.27 -4.10
N PHE A 306 12.38 18.36 -4.91
CA PHE A 306 12.29 18.55 -6.35
C PHE A 306 11.00 19.31 -6.62
N ALA A 307 11.11 20.61 -6.86
CA ALA A 307 9.97 21.50 -6.82
C ALA A 307 9.87 22.30 -8.11
N ASP A 308 8.65 22.53 -8.58
CA ASP A 308 8.44 23.43 -9.71
C ASP A 308 9.16 24.74 -9.46
N GLN A 309 9.67 25.37 -10.52
CA GLN A 309 10.58 26.48 -10.35
C GLN A 309 9.91 27.72 -9.77
N ASP A 310 8.58 27.82 -9.88
CA ASP A 310 7.82 28.94 -9.31
C ASP A 310 6.98 28.50 -8.10
N ALA A 311 7.46 27.52 -7.34
CA ALA A 311 6.72 27.06 -6.19
C ALA A 311 7.02 27.87 -4.93
N GLY A 312 8.04 28.72 -4.96
CA GLY A 312 8.30 29.61 -3.83
C GLY A 312 9.16 29.03 -2.73
N PHE A 313 9.73 27.84 -2.91
CA PHE A 313 10.64 27.31 -1.91
C PHE A 313 11.94 28.11 -1.88
N VAL A 314 12.55 28.19 -0.70
CA VAL A 314 13.82 28.88 -0.51
C VAL A 314 14.81 27.90 0.11
N SER A 315 15.95 27.71 -0.55
CA SER A 315 17.02 26.89 0.02
C SER A 315 17.50 27.51 1.34
N SER A 316 17.53 26.68 2.38
CA SER A 316 18.09 27.06 3.68
C SER A 316 19.12 26.01 4.03
N ASP A 317 19.53 25.81 5.27
CA ASP A 317 20.67 24.87 5.53
C ASP A 317 20.26 23.43 5.46
N ASN A 318 19.08 23.12 5.90
CA ASN A 318 18.50 21.82 5.96
C ASN A 318 17.40 21.64 4.92
N MET A 319 17.22 22.61 3.99
CA MET A 319 16.28 22.39 2.87
C MET A 319 16.96 22.71 1.55
N HIS A 320 17.18 21.68 0.73
CA HIS A 320 17.87 21.81 -0.54
C HIS A 320 16.84 21.69 -1.66
N ILE A 321 16.76 22.72 -2.49
CA ILE A 321 15.77 22.81 -3.54
C ILE A 321 16.42 22.49 -4.88
N ILE A 322 15.85 21.53 -5.61
CA ILE A 322 16.21 21.28 -7.00
C ILE A 322 15.07 21.84 -7.84
N GLU A 323 15.32 22.94 -8.55
CA GLU A 323 14.25 23.63 -9.26
C GLU A 323 13.95 22.90 -10.57
N MET A 324 12.69 22.51 -10.75
CA MET A 324 12.19 21.77 -11.90
C MET A 324 11.51 22.71 -12.88
N PRO A 325 11.67 22.46 -14.19
CA PRO A 325 10.92 23.22 -15.17
C PRO A 325 9.43 22.99 -15.01
N HIS A 326 8.65 23.91 -15.58
CA HIS A 326 7.21 23.76 -15.58
C HIS A 326 6.82 22.51 -16.36
N VAL A 327 5.76 21.84 -15.90
CA VAL A 327 5.32 20.64 -16.59
C VAL A 327 3.80 20.58 -16.58
N GLU A 328 3.23 20.18 -17.71
CA GLU A 328 1.81 19.88 -17.81
C GLU A 328 1.40 18.87 -16.74
N GLU A 329 0.31 19.18 -16.03
CA GLU A 329 -0.01 18.40 -14.84
C GLU A 329 -0.28 16.94 -15.16
N VAL A 330 -0.81 16.65 -16.36
CA VAL A 330 -1.19 15.27 -16.63
C VAL A 330 0.04 14.36 -16.77
N ILE A 331 1.20 14.92 -17.19
CA ILE A 331 2.43 14.13 -17.32
C ILE A 331 3.38 14.35 -16.15
N ALA A 332 3.00 15.15 -15.15
CA ALA A 332 3.89 15.41 -14.02
C ALA A 332 4.40 14.15 -13.31
N PRO A 333 3.59 13.11 -13.06
CA PRO A 333 4.16 11.91 -12.42
C PRO A 333 5.27 11.28 -13.26
N ILE A 334 5.11 11.23 -14.58
CA ILE A 334 6.18 10.67 -15.43
C ILE A 334 7.42 11.54 -15.34
N PHE A 335 7.21 12.85 -15.36
CA PHE A 335 8.32 13.80 -15.39
C PHE A 335 9.10 13.79 -14.08
N TYR A 336 8.39 13.69 -12.95
CA TYR A 336 9.06 13.80 -11.65
C TYR A 336 9.77 12.51 -11.25
N THR A 337 9.53 11.43 -11.99
CA THR A 337 10.28 10.19 -11.76
C THR A 337 11.76 10.37 -12.15
N VAL A 338 12.02 11.15 -13.18
CA VAL A 338 13.39 11.22 -13.75
C VAL A 338 14.41 11.71 -12.73
N PRO A 339 14.19 12.81 -11.99
CA PRO A 339 15.20 13.24 -10.99
C PRO A 339 15.46 12.20 -9.91
N LEU A 340 14.44 11.40 -9.57
CA LEU A 340 14.65 10.35 -8.57
C LEU A 340 15.49 9.20 -9.13
N GLN A 341 15.32 8.89 -10.42
CA GLN A 341 16.23 7.93 -11.06
C GLN A 341 17.66 8.42 -11.02
N LEU A 342 17.87 9.69 -11.39
CA LEU A 342 19.21 10.26 -11.36
C LEU A 342 19.79 10.21 -9.95
N LEU A 343 18.96 10.52 -8.94
CA LEU A 343 19.43 10.51 -7.57
C LEU A 343 19.95 9.14 -7.18
N ALA A 344 19.14 8.10 -7.42
CA ALA A 344 19.55 6.74 -7.08
C ALA A 344 20.82 6.33 -7.83
N TYR A 345 20.89 6.68 -9.12
CA TYR A 345 22.09 6.40 -9.91
C TYR A 345 23.33 7.02 -9.26
N HIS A 346 23.26 8.31 -8.91
CA HIS A 346 24.45 8.98 -8.39
C HIS A 346 24.81 8.46 -6.99
N VAL A 347 23.82 8.20 -6.14
CA VAL A 347 24.11 7.67 -4.80
C VAL A 347 24.75 6.29 -4.91
N ALA A 348 24.22 5.45 -5.82
CA ALA A 348 24.79 4.12 -6.02
C ALA A 348 26.28 4.19 -6.38
N LEU A 349 26.65 5.11 -7.28
CA LEU A 349 28.06 5.22 -7.67
C LEU A 349 28.91 5.77 -6.52
N ILE A 350 28.36 6.71 -5.75
CA ILE A 350 29.11 7.27 -4.62
C ILE A 350 29.47 6.17 -3.63
N LYS A 351 28.52 5.29 -3.33
CA LYS A 351 28.77 4.17 -2.44
C LYS A 351 29.67 3.10 -3.06
N GLY A 352 29.92 3.17 -4.36
CA GLY A 352 30.72 2.15 -5.02
C GLY A 352 29.94 0.93 -5.43
N THR A 353 28.62 1.03 -5.53
CA THR A 353 27.77 -0.06 -5.98
C THR A 353 27.64 -0.06 -7.50
N ASP A 354 27.44 -1.25 -8.08
CA ASP A 354 27.24 -1.39 -9.53
C ASP A 354 25.84 -0.92 -9.94
N VAL A 355 25.78 -0.12 -11.00
CA VAL A 355 24.49 0.28 -11.58
C VAL A 355 24.16 -0.47 -12.85
N ASP A 356 25.12 -1.21 -13.43
CA ASP A 356 24.91 -1.96 -14.65
C ASP A 356 25.00 -3.46 -14.38
N GLN A 357 24.23 -4.23 -15.15
CA GLN A 357 24.30 -5.67 -15.08
C GLN A 357 25.67 -6.15 -15.57
N PRO A 358 26.19 -7.25 -15.01
CA PRO A 358 27.41 -7.85 -15.54
C PRO A 358 27.36 -8.06 -17.05
N ARG A 359 28.34 -7.47 -17.75
CA ARG A 359 28.49 -7.57 -19.21
C ARG A 359 27.19 -7.29 -19.96
N ASP B 4 -6.20 3.45 36.98
CA ASP B 4 -4.93 2.94 37.43
C ASP B 4 -4.86 1.42 37.23
N LYS B 5 -3.64 0.92 37.38
CA LYS B 5 -3.19 -0.31 36.74
C LYS B 5 -3.69 -1.57 37.41
N GLY B 6 -4.05 -1.51 38.69
CA GLY B 6 -4.35 -2.75 39.40
C GLY B 6 -3.08 -3.58 39.54
N ILE B 7 -3.17 -4.85 39.13
CA ILE B 7 -2.04 -5.77 39.16
C ILE B 7 -0.98 -5.46 38.10
N TYR B 8 -1.30 -4.64 37.11
CA TYR B 8 -0.38 -4.46 35.99
C TYR B 8 0.64 -3.36 36.30
N ARG B 9 1.68 -3.34 35.47
CA ARG B 9 2.94 -2.62 35.58
C ARG B 9 2.91 -1.34 34.80
N HIS B 10 2.32 -1.43 33.63
CA HIS B 10 2.16 -0.32 32.75
C HIS B 10 0.74 -0.41 32.22
N TYR B 11 0.18 0.74 31.86
CA TYR B 11 -1.14 0.73 31.24
C TYR B 11 -1.13 -0.13 29.98
N MET B 12 -0.05 -0.07 29.19
CA MET B 12 -0.02 -0.86 27.95
C MET B 12 -0.08 -2.36 28.24
N GLN B 13 0.63 -2.82 29.27
CA GLN B 13 0.56 -4.23 29.63
C GLN B 13 -0.88 -4.61 30.00
N LYS B 14 -1.51 -3.77 30.82
CA LYS B 14 -2.91 -3.97 31.18
C LYS B 14 -3.78 -4.07 29.93
N GLU B 15 -3.59 -3.14 29.00
CA GLU B 15 -4.50 -3.06 27.87
C GLU B 15 -4.29 -4.24 26.93
N ILE B 16 -3.06 -4.78 26.87
CA ILE B 16 -2.84 -5.98 26.07
C ILE B 16 -3.47 -7.19 26.75
N TYR B 17 -3.17 -7.36 28.05
CA TYR B 17 -3.67 -8.54 28.75
C TYR B 17 -5.18 -8.54 28.88
N GLU B 18 -5.84 -7.39 28.73
CA GLU B 18 -7.28 -7.29 28.87
C GLU B 18 -8.03 -7.37 27.55
N GLN B 19 -7.37 -7.76 26.44
CA GLN B 19 -8.19 -7.68 25.25
C GLN B 19 -9.19 -8.82 25.19
N PRO B 20 -8.96 -9.94 25.88
CA PRO B 20 -10.08 -10.87 26.05
C PRO B 20 -11.31 -10.18 26.59
N ASN B 21 -11.16 -9.42 27.68
CA ASN B 21 -12.31 -8.69 28.24
C ASN B 21 -12.88 -7.74 27.19
N ALA B 22 -11.98 -7.00 26.54
CA ALA B 22 -12.34 -5.98 25.56
C ALA B 22 -13.12 -6.58 24.41
N ILE B 23 -12.64 -7.71 23.89
CA ILE B 23 -13.36 -8.37 22.81
C ILE B 23 -14.72 -8.87 23.30
N LYS B 24 -14.75 -9.45 24.50
CA LYS B 24 -16.02 -9.88 25.06
C LYS B 24 -16.98 -8.70 25.21
N ASN B 25 -16.46 -7.53 25.64
CA ASN B 25 -17.30 -6.35 25.75
C ASN B 25 -17.81 -5.93 24.37
N THR B 26 -16.97 -6.07 23.34
CA THR B 26 -17.38 -5.68 22.00
C THR B 26 -18.47 -6.61 21.46
N LEU B 27 -18.46 -7.88 21.89
CA LEU B 27 -19.46 -8.85 21.46
C LEU B 27 -20.76 -8.75 22.25
N THR B 28 -20.78 -7.99 23.34
CA THR B 28 -21.91 -8.02 24.26
C THR B 28 -23.18 -7.54 23.56
N GLY B 29 -24.23 -8.34 23.66
CA GLY B 29 -25.50 -8.04 23.06
C GLY B 29 -25.58 -8.26 21.56
N ARG B 30 -24.50 -8.72 20.91
CA ARG B 30 -24.43 -8.77 19.46
C ARG B 30 -24.34 -10.19 18.92
N ILE B 31 -24.44 -11.20 19.79
CA ILE B 31 -24.55 -12.59 19.39
C ILE B 31 -25.81 -13.16 20.02
N SER B 32 -26.68 -13.74 19.19
CA SER B 32 -27.91 -14.36 19.66
C SER B 32 -28.17 -15.60 18.83
N HIS B 33 -28.30 -16.75 19.50
CA HIS B 33 -28.67 -18.00 18.87
C HIS B 33 -27.82 -18.25 17.61
N GLY B 34 -26.51 -18.16 17.78
CA GLY B 34 -25.58 -18.51 16.72
C GLY B 34 -25.46 -17.50 15.60
N GLN B 35 -26.18 -16.38 15.66
CA GLN B 35 -26.16 -15.37 14.62
C GLN B 35 -25.69 -14.04 15.20
N VAL B 36 -25.29 -13.14 14.32
CA VAL B 36 -24.91 -11.79 14.69
C VAL B 36 -26.17 -10.93 14.72
N ASP B 37 -26.32 -10.14 15.80
CA ASP B 37 -27.49 -9.29 16.04
C ASP B 37 -26.99 -7.85 16.11
N LEU B 38 -27.13 -7.11 15.00
CA LEU B 38 -26.77 -5.70 14.95
C LEU B 38 -28.02 -4.82 14.91
N SER B 39 -29.08 -5.22 15.62
CA SER B 39 -30.31 -4.42 15.65
C SER B 39 -30.10 -3.06 16.28
N GLU B 40 -28.97 -2.85 16.98
CA GLU B 40 -28.67 -1.54 17.51
C GLU B 40 -28.43 -0.52 16.40
N LEU B 41 -28.19 -0.98 15.17
CA LEU B 41 -28.04 -0.06 14.04
C LEU B 41 -29.33 0.69 13.74
N GLY B 42 -30.47 0.19 14.23
CA GLY B 42 -31.74 0.83 14.00
C GLY B 42 -32.49 0.15 12.88
N PRO B 43 -33.80 0.42 12.79
CA PRO B 43 -34.65 -0.37 11.89
C PRO B 43 -34.48 -0.05 10.42
N ASN B 44 -33.75 1.02 10.06
CA ASN B 44 -33.50 1.33 8.67
C ASN B 44 -32.20 0.72 8.14
N ALA B 45 -31.45 0.00 8.98
CA ALA B 45 -30.12 -0.44 8.56
C ALA B 45 -30.20 -1.50 7.47
N ASP B 46 -31.18 -2.41 7.55
CA ASP B 46 -31.18 -3.57 6.65
C ASP B 46 -31.46 -3.21 5.19
N GLU B 47 -32.35 -2.24 4.92
CA GLU B 47 -32.52 -1.82 3.52
C GLU B 47 -31.23 -1.29 2.95
N LEU B 48 -30.62 -0.37 3.68
CA LEU B 48 -29.38 0.24 3.23
C LEU B 48 -28.35 -0.83 2.92
N LEU B 49 -28.04 -1.66 3.93
CA LEU B 49 -26.98 -2.64 3.76
C LEU B 49 -27.34 -3.70 2.72
N SER B 50 -28.64 -4.01 2.56
CA SER B 50 -29.03 -4.95 1.51
C SER B 50 -28.74 -4.40 0.12
N LYS B 51 -28.73 -3.06 -0.05
CA LYS B 51 -28.44 -2.43 -1.34
C LYS B 51 -26.95 -2.51 -1.74
N VAL B 52 -26.05 -2.83 -0.80
CA VAL B 52 -24.63 -2.54 -1.01
C VAL B 52 -24.05 -3.42 -2.12
N GLU B 53 -23.39 -2.77 -3.08
CA GLU B 53 -22.60 -3.46 -4.09
C GLU B 53 -21.11 -3.19 -3.97
N HIS B 54 -20.71 -2.24 -3.12
CA HIS B 54 -19.31 -1.88 -2.97
C HIS B 54 -19.12 -1.21 -1.61
N ILE B 55 -17.97 -1.47 -1.00
CA ILE B 55 -17.62 -0.89 0.30
C ILE B 55 -16.35 -0.05 0.11
N GLN B 56 -16.43 1.22 0.49
CA GLN B 56 -15.27 2.11 0.51
C GLN B 56 -14.93 2.41 1.97
N ILE B 57 -13.72 2.05 2.38
CA ILE B 57 -13.30 2.26 3.75
C ILE B 57 -12.29 3.41 3.78
N LEU B 58 -12.53 4.39 4.66
CA LEU B 58 -11.62 5.51 4.87
C LEU B 58 -11.12 5.51 6.30
N ALA B 59 -9.82 5.68 6.47
CA ALA B 59 -9.22 5.74 7.79
C ALA B 59 -7.79 6.25 7.62
N CYS B 60 -7.09 6.39 8.75
CA CYS B 60 -5.66 6.59 8.76
C CYS B 60 -5.06 5.78 9.90
N GLY B 61 -3.73 5.61 9.84
CA GLY B 61 -3.01 5.01 10.94
C GLY B 61 -3.48 3.60 11.26
N THR B 62 -3.63 3.32 12.55
CA THR B 62 -4.01 1.97 12.98
C THR B 62 -5.37 1.57 12.41
N SER B 63 -6.30 2.52 12.32
CA SER B 63 -7.63 2.20 11.80
C SER B 63 -7.57 1.85 10.32
N TYR B 64 -6.62 2.43 9.59
CA TYR B 64 -6.39 2.05 8.20
C TYR B 64 -5.96 0.58 8.09
N ASN B 65 -5.03 0.16 8.95
CA ASN B 65 -4.61 -1.24 8.90
C ASN B 65 -5.77 -2.18 9.25
N SER B 66 -6.63 -1.77 10.18
CA SER B 66 -7.80 -2.61 10.46
C SER B 66 -8.72 -2.69 9.25
N GLY B 67 -8.97 -1.55 8.64
CA GLY B 67 -9.70 -1.54 7.36
C GLY B 67 -9.13 -2.46 6.30
N MET B 68 -7.83 -2.52 6.18
CA MET B 68 -7.24 -3.38 5.17
C MET B 68 -7.32 -4.87 5.51
N VAL B 69 -7.39 -5.20 6.81
CA VAL B 69 -7.72 -6.58 7.13
C VAL B 69 -9.11 -6.91 6.61
N SER B 70 -10.06 -6.02 6.88
CA SER B 70 -11.46 -6.31 6.61
C SER B 70 -11.75 -6.46 5.13
N ARG B 71 -10.96 -5.79 4.29
CA ARG B 71 -11.10 -5.94 2.84
C ARG B 71 -11.02 -7.40 2.43
N TYR B 72 -10.05 -8.16 2.99
CA TYR B 72 -9.97 -9.59 2.67
C TYR B 72 -11.24 -10.32 3.08
N TRP B 73 -11.80 -9.96 4.26
CA TRP B 73 -13.02 -10.62 4.74
C TRP B 73 -14.22 -10.25 3.88
N PHE B 74 -14.43 -8.95 3.64
CA PHE B 74 -15.58 -8.53 2.84
C PHE B 74 -15.58 -9.23 1.48
N GLU B 75 -14.42 -9.33 0.83
CA GLU B 75 -14.36 -9.97 -0.48
C GLU B 75 -14.44 -11.51 -0.38
N SER B 76 -13.70 -12.12 0.53
CA SER B 76 -13.64 -13.58 0.63
C SER B 76 -14.94 -14.16 1.18
N LEU B 77 -15.47 -13.57 2.25
CA LEU B 77 -16.58 -14.16 2.97
C LEU B 77 -17.93 -13.60 2.53
N ALA B 78 -18.03 -12.29 2.29
CA ALA B 78 -19.29 -11.68 1.87
C ALA B 78 -19.38 -11.50 0.35
N GLY B 79 -18.27 -11.66 -0.37
CA GLY B 79 -18.29 -11.49 -1.82
C GLY B 79 -18.54 -10.06 -2.27
N ILE B 80 -18.21 -9.08 -1.42
CA ILE B 80 -18.51 -7.68 -1.70
C ILE B 80 -17.20 -6.98 -2.04
N PRO B 81 -17.09 -6.36 -3.23
CA PRO B 81 -15.90 -5.55 -3.56
C PRO B 81 -15.66 -4.51 -2.48
N CYS B 82 -14.40 -4.41 -2.07
CA CYS B 82 -14.05 -3.51 -0.99
C CYS B 82 -12.74 -2.81 -1.31
N ASP B 83 -12.72 -1.50 -1.10
CA ASP B 83 -11.53 -0.68 -1.27
C ASP B 83 -11.25 0.08 0.01
N VAL B 84 -9.98 0.20 0.37
CA VAL B 84 -9.58 0.88 1.58
C VAL B 84 -8.60 1.98 1.19
N GLU B 85 -8.81 3.18 1.71
CA GLU B 85 -7.98 4.30 1.28
C GLU B 85 -7.66 5.21 2.46
N ILE B 86 -6.43 5.71 2.47
CA ILE B 86 -6.05 6.74 3.44
C ILE B 86 -6.86 8.00 3.19
N ALA B 87 -7.39 8.57 4.28
CA ALA B 87 -8.35 9.66 4.14
C ALA B 87 -7.71 10.90 3.54
N SER B 88 -6.45 11.19 3.90
CA SER B 88 -5.78 12.37 3.38
C SER B 88 -5.64 12.32 1.87
N GLU B 89 -5.59 11.12 1.30
CA GLU B 89 -5.50 10.96 -0.15
C GLU B 89 -6.88 11.01 -0.82
N PHE B 90 -7.87 10.37 -0.19
CA PHE B 90 -9.19 10.31 -0.80
C PHE B 90 -9.82 11.68 -0.92
N ARG B 91 -9.74 12.49 0.15
CA ARG B 91 -10.52 13.72 0.22
C ARG B 91 -10.11 14.74 -0.83
N TYR B 92 -8.93 14.62 -1.43
CA TYR B 92 -8.44 15.63 -2.37
C TYR B 92 -8.29 15.09 -3.79
N ARG B 93 -8.69 13.84 -4.06
CA ARG B 93 -8.62 13.36 -5.42
C ARG B 93 -10.02 13.19 -5.99
N LYS B 94 -10.09 13.36 -7.32
CA LYS B 94 -11.31 13.13 -8.07
C LYS B 94 -11.44 11.63 -8.29
N SER B 95 -12.38 11.01 -7.59
CA SER B 95 -12.51 9.56 -7.56
C SER B 95 -13.70 9.13 -8.39
N ALA B 96 -13.67 7.87 -8.82
CA ALA B 96 -14.80 7.28 -9.51
C ALA B 96 -15.72 6.67 -8.45
N VAL B 97 -16.97 7.11 -8.43
CA VAL B 97 -17.91 6.55 -7.47
C VAL B 97 -18.42 5.23 -8.04
N ARG B 98 -18.28 4.16 -7.29
CA ARG B 98 -18.85 2.89 -7.66
C ARG B 98 -20.34 2.90 -7.37
N ARG B 99 -21.08 2.10 -8.11
CA ARG B 99 -22.51 2.00 -7.87
C ARG B 99 -22.80 1.40 -6.50
N ASN B 100 -23.82 1.94 -5.84
CA ASN B 100 -24.34 1.47 -4.55
C ASN B 100 -23.21 1.21 -3.55
N SER B 101 -22.40 2.24 -3.37
CA SER B 101 -21.21 2.15 -2.53
C SER B 101 -21.54 2.56 -1.10
N LEU B 102 -21.06 1.77 -0.13
CA LEU B 102 -21.20 2.09 1.29
C LEU B 102 -19.88 2.65 1.81
N MET B 103 -19.95 3.83 2.42
CA MET B 103 -18.76 4.44 3.01
C MET B 103 -18.65 3.99 4.46
N ILE B 104 -17.59 3.29 4.80
CA ILE B 104 -17.30 2.95 6.18
C ILE B 104 -16.13 3.82 6.64
N THR B 105 -16.28 4.51 7.78
CA THR B 105 -15.14 5.17 8.39
C THR B 105 -14.76 4.43 9.66
N LEU B 106 -13.46 4.35 9.91
CA LEU B 106 -12.88 3.80 11.13
C LEU B 106 -12.10 4.90 11.82
N SER B 107 -12.42 5.13 13.09
CA SER B 107 -11.75 6.16 13.87
C SER B 107 -11.95 5.84 15.33
N GLN B 108 -10.86 5.89 16.10
CA GLN B 108 -10.96 5.81 17.55
C GLN B 108 -11.78 6.97 18.12
N SER B 109 -11.37 8.19 17.78
CA SER B 109 -11.89 9.42 18.39
C SER B 109 -13.23 9.86 17.80
N GLY B 110 -13.50 9.51 16.54
CA GLY B 110 -14.67 10.04 15.86
C GLY B 110 -14.55 11.47 15.39
N GLU B 111 -13.36 12.09 15.50
CA GLU B 111 -13.15 13.47 15.07
C GLU B 111 -12.01 13.66 14.08
N THR B 112 -11.31 12.59 13.69
CA THR B 112 -10.20 12.69 12.74
C THR B 112 -10.59 13.51 11.51
N ALA B 113 -9.87 14.63 11.30
CA ALA B 113 -10.30 15.66 10.37
C ALA B 113 -10.42 15.14 8.93
N ASP B 114 -9.35 14.51 8.42
CA ASP B 114 -9.39 14.02 7.04
C ASP B 114 -10.47 12.96 6.85
N THR B 115 -10.66 12.10 7.85
CA THR B 115 -11.69 11.06 7.75
C THR B 115 -13.09 11.67 7.74
N LEU B 116 -13.30 12.69 8.57
CA LEU B 116 -14.59 13.37 8.59
C LEU B 116 -14.83 14.12 7.29
N ALA B 117 -13.77 14.76 6.76
CA ALA B 117 -13.86 15.38 5.44
C ALA B 117 -14.26 14.37 4.38
N GLY B 118 -13.70 13.16 4.45
CA GLY B 118 -14.03 12.16 3.45
C GLY B 118 -15.48 11.73 3.54
N LEU B 119 -15.98 11.54 4.77
CA LEU B 119 -17.39 11.25 4.94
C LEU B 119 -18.25 12.35 4.32
N ARG B 120 -17.91 13.60 4.61
CA ARG B 120 -18.71 14.71 4.10
C ARG B 120 -18.68 14.76 2.57
N LEU B 121 -17.56 14.37 1.97
CA LEU B 121 -17.46 14.36 0.51
C LEU B 121 -18.31 13.24 -0.07
N SER B 122 -18.32 12.08 0.58
CA SER B 122 -19.10 10.94 0.12
C SER B 122 -20.57 11.30 -0.07
N LYS B 123 -21.13 12.14 0.81
CA LYS B 123 -22.51 12.59 0.66
C LYS B 123 -22.68 13.40 -0.62
N GLU B 124 -21.76 14.33 -0.85
CA GLU B 124 -21.70 15.13 -2.07
C GLU B 124 -21.64 14.29 -3.34
N LEU B 125 -20.92 13.16 -3.28
CA LEU B 125 -20.67 12.33 -4.44
C LEU B 125 -21.75 11.28 -4.70
N GLY B 126 -22.77 11.22 -3.85
CA GLY B 126 -23.87 10.31 -4.10
C GLY B 126 -23.66 8.87 -3.64
N TYR B 127 -22.82 8.68 -2.62
CA TYR B 127 -22.71 7.34 -2.05
C TYR B 127 -24.07 6.88 -1.55
N LEU B 128 -24.22 5.56 -1.48
CA LEU B 128 -25.47 4.97 -1.02
C LEU B 128 -25.75 5.36 0.43
N GLY B 129 -24.70 5.41 1.25
CA GLY B 129 -24.87 5.68 2.66
C GLY B 129 -23.54 5.50 3.37
N SER B 130 -23.60 5.60 4.69
CA SER B 130 -22.37 5.64 5.47
C SER B 130 -22.55 4.92 6.80
N LEU B 131 -21.47 4.29 7.24
CA LEU B 131 -21.46 3.58 8.52
C LEU B 131 -20.16 3.93 9.23
N ALA B 132 -20.26 4.35 10.50
CA ALA B 132 -19.10 4.71 11.31
C ALA B 132 -18.83 3.64 12.36
N ILE B 133 -17.58 3.19 12.44
CA ILE B 133 -17.10 2.35 13.52
C ILE B 133 -16.13 3.17 14.35
N CYS B 134 -16.41 3.27 15.63
CA CYS B 134 -15.86 4.32 16.47
C CYS B 134 -15.97 3.87 17.93
N ASN B 135 -15.19 4.50 18.79
CA ASN B 135 -15.24 4.19 20.22
C ASN B 135 -15.89 5.31 21.03
N VAL B 136 -16.34 6.39 20.40
CA VAL B 136 -16.84 7.55 21.14
C VAL B 136 -18.26 7.92 20.70
N PRO B 137 -19.27 7.62 21.52
CA PRO B 137 -20.64 7.98 21.15
C PRO B 137 -20.78 9.50 21.01
N GLY B 138 -21.70 9.91 20.14
CA GLY B 138 -21.94 11.32 19.97
C GLY B 138 -20.85 12.10 19.23
N SER B 139 -19.83 11.42 18.71
CA SER B 139 -18.79 12.11 17.95
C SER B 139 -19.32 12.49 16.57
N SER B 140 -18.55 13.34 15.87
CA SER B 140 -18.98 13.88 14.58
C SER B 140 -19.15 12.78 13.54
N LEU B 141 -18.17 11.89 13.43
CA LEU B 141 -18.29 10.78 12.49
C LEU B 141 -19.52 9.92 12.82
N VAL B 142 -19.84 9.76 14.10
CA VAL B 142 -21.03 8.99 14.48
C VAL B 142 -22.32 9.73 14.08
N ARG B 143 -22.45 10.98 14.47
CA ARG B 143 -23.70 11.72 14.21
C ARG B 143 -23.95 11.97 12.73
N GLU B 144 -22.90 12.13 11.97
CA GLU B 144 -23.00 12.44 10.55
C GLU B 144 -23.11 11.21 9.66
N SER B 145 -22.90 10.01 10.20
CA SER B 145 -23.10 8.81 9.39
C SER B 145 -24.54 8.31 9.53
N ASP B 146 -24.98 7.55 8.51
CA ASP B 146 -26.33 6.98 8.57
C ASP B 146 -26.44 5.95 9.67
N LEU B 147 -25.39 5.16 9.83
CA LEU B 147 -25.33 4.08 10.81
C LEU B 147 -24.03 4.18 11.59
N ALA B 148 -24.04 3.62 12.81
CA ALA B 148 -22.84 3.62 13.63
C ALA B 148 -22.84 2.41 14.55
N LEU B 149 -21.64 1.86 14.75
CA LEU B 149 -21.41 0.75 15.67
C LEU B 149 -20.27 1.11 16.61
N MET B 150 -20.55 1.14 17.92
CA MET B 150 -19.50 1.39 18.91
C MET B 150 -18.66 0.13 19.15
N THR B 151 -17.33 0.33 19.34
CA THR B 151 -16.44 -0.78 19.65
C THR B 151 -16.50 -1.23 21.12
N ASN B 152 -16.93 -0.36 22.03
CA ASN B 152 -16.94 -0.67 23.48
C ASN B 152 -15.58 -1.14 23.97
N ALA B 153 -14.54 -0.42 23.57
CA ALA B 153 -13.19 -0.79 23.98
C ALA B 153 -12.77 -0.17 25.32
N GLY B 154 -13.36 0.95 25.70
CA GLY B 154 -12.90 1.66 26.87
C GLY B 154 -11.76 2.62 26.53
N THR B 155 -11.05 3.02 27.59
CA THR B 155 -10.02 4.05 27.47
C THR B 155 -8.64 3.42 27.38
N GLU B 156 -7.79 4.00 26.52
CA GLU B 156 -6.42 3.57 26.36
C GLU B 156 -5.48 4.66 26.86
N ILE B 157 -4.53 4.26 27.69
CA ILE B 157 -3.51 5.17 28.18
C ILE B 157 -2.13 4.86 27.59
N GLY B 158 -1.90 3.63 27.13
CA GLY B 158 -0.69 3.33 26.39
C GLY B 158 -0.45 4.32 25.27
N VAL B 159 0.83 4.60 24.99
CA VAL B 159 1.17 5.54 23.94
C VAL B 159 0.60 5.08 22.61
N ALA B 160 0.30 3.79 22.51
CA ALA B 160 -0.20 3.26 21.25
C ALA B 160 -1.55 2.60 21.40
N SER B 161 -2.11 2.14 20.28
CA SER B 161 -3.44 1.54 20.31
C SER B 161 -3.40 0.02 20.33
N THR B 162 -3.73 -0.56 21.48
CA THR B 162 -3.78 -2.01 21.55
C THR B 162 -5.20 -2.55 21.37
N LYS B 163 -6.12 -2.26 22.29
CA LYS B 163 -7.44 -2.83 22.14
C LYS B 163 -8.29 -2.10 21.09
N ALA B 164 -7.89 -0.90 20.67
CA ALA B 164 -8.62 -0.22 19.61
C ALA B 164 -8.59 -1.02 18.32
N PHE B 165 -7.42 -1.59 17.97
CA PHE B 165 -7.27 -2.32 16.72
C PHE B 165 -8.06 -3.62 16.75
N THR B 166 -7.93 -4.41 17.84
CA THR B 166 -8.60 -5.71 17.89
C THR B 166 -10.11 -5.56 18.01
N THR B 167 -10.58 -4.54 18.75
CA THR B 167 -12.02 -4.35 18.87
C THR B 167 -12.62 -3.79 17.58
N GLN B 168 -11.89 -2.94 16.85
CA GLN B 168 -12.34 -2.51 15.53
C GLN B 168 -12.51 -3.70 14.59
N LEU B 169 -11.47 -4.56 14.52
CA LEU B 169 -11.55 -5.79 13.73
C LEU B 169 -12.75 -6.64 14.13
N THR B 170 -13.01 -6.75 15.43
CA THR B 170 -14.12 -7.59 15.87
C THR B 170 -15.45 -7.06 15.33
N VAL B 171 -15.65 -5.74 15.39
CA VAL B 171 -16.87 -5.14 14.82
C VAL B 171 -16.93 -5.40 13.31
N LEU B 172 -15.82 -5.16 12.60
CA LEU B 172 -15.82 -5.35 11.16
C LEU B 172 -16.22 -6.76 10.80
N LEU B 173 -15.70 -7.75 11.54
CA LEU B 173 -16.02 -9.14 11.23
C LEU B 173 -17.49 -9.47 11.50
N MET B 174 -18.07 -8.89 12.57
CA MET B 174 -19.50 -9.06 12.78
C MET B 174 -20.30 -8.47 11.61
N LEU B 175 -19.83 -7.35 11.06
CA LEU B 175 -20.53 -6.74 9.94
C LEU B 175 -20.39 -7.60 8.67
N VAL B 176 -19.22 -8.23 8.49
CA VAL B 176 -19.07 -9.18 7.38
C VAL B 176 -20.12 -10.28 7.49
N ALA B 177 -20.28 -10.82 8.71
CA ALA B 177 -21.26 -11.88 8.95
C ALA B 177 -22.67 -11.40 8.66
N LYS B 178 -23.03 -10.21 9.16
CA LYS B 178 -24.35 -9.66 8.91
C LYS B 178 -24.61 -9.53 7.41
N LEU B 179 -23.65 -8.97 6.68
CA LEU B 179 -23.83 -8.77 5.25
C LEU B 179 -23.99 -10.10 4.52
N SER B 180 -23.26 -11.13 4.96
CA SER B 180 -23.35 -12.44 4.31
C SER B 180 -24.75 -13.01 4.45
N ARG B 181 -25.39 -12.79 5.61
CA ARG B 181 -26.78 -13.25 5.77
C ARG B 181 -27.75 -12.40 4.95
N LEU B 182 -27.59 -11.07 4.98
CA LEU B 182 -28.45 -10.19 4.19
C LEU B 182 -28.43 -10.57 2.72
N LYS B 183 -27.25 -10.91 2.20
CA LYS B 183 -27.11 -11.26 0.79
C LYS B 183 -27.53 -12.70 0.49
N GLY B 184 -27.86 -13.49 1.51
CA GLY B 184 -28.31 -14.85 1.27
C GLY B 184 -27.21 -15.86 1.02
N LEU B 185 -25.96 -15.53 1.34
CA LEU B 185 -24.86 -16.48 1.26
C LEU B 185 -25.06 -17.58 2.30
N ASP B 186 -24.26 -18.65 2.17
CA ASP B 186 -24.41 -19.81 3.04
C ASP B 186 -24.33 -19.40 4.50
N ALA B 187 -25.26 -19.93 5.32
CA ALA B 187 -25.29 -19.59 6.73
C ALA B 187 -24.08 -20.12 7.49
N SER B 188 -23.32 -21.04 6.89
CA SER B 188 -22.09 -21.51 7.53
C SER B 188 -21.05 -20.40 7.66
N ILE B 189 -21.11 -19.38 6.80
CA ILE B 189 -20.17 -18.27 6.92
C ILE B 189 -20.38 -17.53 8.23
N GLU B 190 -21.64 -17.14 8.51
CA GLU B 190 -21.92 -16.49 9.79
C GLU B 190 -21.67 -17.42 10.96
N HIS B 191 -22.03 -18.70 10.81
CA HIS B 191 -21.80 -19.66 11.89
C HIS B 191 -20.33 -19.73 12.26
N ASP B 192 -19.46 -19.88 11.25
CA ASP B 192 -18.03 -19.97 11.50
C ASP B 192 -17.47 -18.68 12.08
N ILE B 193 -17.94 -17.53 11.60
CA ILE B 193 -17.52 -16.26 12.18
C ILE B 193 -17.92 -16.18 13.65
N VAL B 194 -19.19 -16.51 13.96
CA VAL B 194 -19.65 -16.47 15.34
C VAL B 194 -18.86 -17.46 16.20
N HIS B 195 -18.63 -18.67 15.69
CA HIS B 195 -17.83 -19.65 16.43
C HIS B 195 -16.43 -19.10 16.73
N GLY B 196 -15.81 -18.47 15.74
CA GLY B 196 -14.47 -17.91 15.96
C GLY B 196 -14.49 -16.81 16.99
N LEU B 197 -15.46 -15.90 16.89
CA LEU B 197 -15.52 -14.76 17.79
C LEU B 197 -15.75 -15.21 19.23
N GLN B 198 -16.61 -16.21 19.42
CA GLN B 198 -16.84 -16.76 20.76
C GLN B 198 -15.57 -17.40 21.32
N ALA B 199 -14.73 -17.97 20.45
CA ALA B 199 -13.51 -18.63 20.92
C ALA B 199 -12.34 -17.66 21.09
N LEU B 200 -12.44 -16.46 20.50
CA LEU B 200 -11.28 -15.57 20.44
C LEU B 200 -10.75 -15.13 21.81
N PRO B 201 -11.59 -14.69 22.78
CA PRO B 201 -11.01 -14.31 24.10
C PRO B 201 -10.21 -15.43 24.75
N SER B 202 -10.74 -16.66 24.72
CA SER B 202 -10.01 -17.80 25.27
C SER B 202 -8.71 -18.05 24.54
N ARG B 203 -8.70 -17.94 23.20
CA ARG B 203 -7.47 -18.15 22.45
C ARG B 203 -6.41 -17.15 22.86
N ILE B 204 -6.80 -15.89 23.05
CA ILE B 204 -5.83 -14.88 23.45
C ILE B 204 -5.27 -15.20 24.83
N GLU B 205 -6.15 -15.66 25.74
CA GLU B 205 -5.70 -16.06 27.06
C GLU B 205 -4.67 -17.18 26.97
N GLN B 206 -4.96 -18.20 26.15
CA GLN B 206 -3.99 -19.28 25.92
C GLN B 206 -2.65 -18.74 25.44
N MET B 207 -2.70 -17.79 24.49
CA MET B 207 -1.47 -17.26 23.91
C MET B 207 -0.64 -16.52 24.96
N LEU B 208 -1.30 -15.86 25.92
CA LEU B 208 -0.58 -15.02 26.87
C LEU B 208 0.37 -15.81 27.76
N SER B 209 0.21 -17.15 27.82
CA SER B 209 1.19 -17.99 28.49
C SER B 209 2.56 -17.92 27.81
N GLN B 210 2.64 -17.43 26.58
CA GLN B 210 3.91 -17.29 25.89
C GLN B 210 4.61 -15.97 26.19
N ASP B 211 4.07 -15.16 27.10
CA ASP B 211 4.61 -13.82 27.34
C ASP B 211 6.08 -13.86 27.76
N LYS B 212 6.47 -14.84 28.57
CA LYS B 212 7.86 -14.82 29.02
C LYS B 212 8.84 -15.37 27.97
N ARG B 213 8.38 -16.24 27.08
CA ARG B 213 9.12 -16.56 25.87
C ARG B 213 9.35 -15.30 25.02
N ILE B 214 8.28 -14.51 24.82
CA ILE B 214 8.39 -13.30 24.01
C ILE B 214 9.29 -12.28 24.71
N GLU B 215 9.15 -12.16 26.03
CA GLU B 215 10.01 -11.26 26.79
C GLU B 215 11.47 -11.64 26.64
N ALA B 216 11.77 -12.95 26.68
CA ALA B 216 13.15 -13.39 26.53
C ALA B 216 13.70 -13.09 25.14
N LEU B 217 12.89 -13.33 24.09
CA LEU B 217 13.34 -13.06 22.73
C LEU B 217 13.50 -11.56 22.47
N ALA B 218 12.69 -10.74 23.13
CA ALA B 218 12.80 -9.29 22.95
C ALA B 218 14.19 -8.78 23.34
N GLU B 219 14.89 -9.49 24.24
CA GLU B 219 16.27 -9.10 24.57
C GLU B 219 17.18 -9.10 23.35
N ASP B 220 16.86 -9.86 22.30
CA ASP B 220 17.65 -9.84 21.07
C ASP B 220 17.60 -8.49 20.39
N PHE B 221 16.56 -7.70 20.62
CA PHE B 221 16.39 -6.42 19.95
C PHE B 221 17.10 -5.28 20.67
N SER B 222 17.76 -5.55 21.79
CA SER B 222 18.34 -4.49 22.60
C SER B 222 19.28 -3.62 21.77
N ASP B 223 20.08 -4.24 20.90
CA ASP B 223 21.07 -3.54 20.09
C ASP B 223 20.65 -3.40 18.62
N LYS B 224 19.37 -3.60 18.31
CA LYS B 224 18.87 -3.55 16.93
C LYS B 224 18.14 -2.25 16.67
N HIS B 225 18.29 -1.73 15.45
CA HIS B 225 17.65 -0.49 15.03
C HIS B 225 16.81 -0.67 13.78
N HIS B 226 16.80 -1.88 13.21
CA HIS B 226 15.99 -2.24 12.06
C HIS B 226 15.21 -3.49 12.36
N ALA B 227 14.08 -3.64 11.70
CA ALA B 227 13.33 -4.88 11.75
C ALA B 227 12.47 -4.97 10.49
N LEU B 228 12.19 -6.20 10.08
CA LEU B 228 11.35 -6.48 8.93
C LEU B 228 10.20 -7.38 9.36
N PHE B 229 8.96 -7.00 9.04
CA PHE B 229 7.78 -7.79 9.34
C PHE B 229 7.21 -8.37 8.06
N LEU B 230 6.90 -9.67 8.06
CA LEU B 230 6.37 -10.34 6.88
C LEU B 230 5.00 -10.95 7.18
N GLY B 231 4.10 -10.84 6.20
CA GLY B 231 2.84 -11.56 6.24
C GLY B 231 2.31 -11.68 4.83
N ARG B 232 1.36 -12.60 4.65
CA ARG B 232 0.69 -12.85 3.38
C ARG B 232 -0.83 -12.90 3.59
N GLY B 233 -1.54 -12.53 2.53
CA GLY B 233 -2.99 -12.56 2.59
C GLY B 233 -3.48 -11.63 3.68
N ASP B 234 -4.50 -12.08 4.43
CA ASP B 234 -5.08 -11.21 5.43
C ASP B 234 -4.15 -10.98 6.61
N GLN B 235 -2.98 -11.64 6.66
CA GLN B 235 -1.98 -11.31 7.66
C GLN B 235 -1.00 -10.22 7.21
N TYR B 236 -1.02 -9.82 5.93
CA TYR B 236 -0.15 -8.71 5.51
C TYR B 236 -0.45 -7.44 6.30
N PRO B 237 -1.71 -7.01 6.50
CA PRO B 237 -1.94 -5.82 7.33
C PRO B 237 -1.64 -6.05 8.81
N ILE B 238 -1.62 -7.30 9.26
CA ILE B 238 -1.17 -7.59 10.62
C ILE B 238 0.33 -7.31 10.75
N ALA B 239 1.09 -7.66 9.72
CA ALA B 239 2.52 -7.32 9.70
C ALA B 239 2.72 -5.81 9.69
N LEU B 240 1.93 -5.09 8.88
CA LEU B 240 2.00 -3.64 8.82
C LEU B 240 1.75 -3.03 10.21
N GLU B 241 0.72 -3.53 10.88
CA GLU B 241 0.38 -2.99 12.19
C GLU B 241 1.45 -3.35 13.22
N GLY B 242 2.00 -4.57 13.14
CA GLY B 242 3.11 -4.93 14.01
C GLY B 242 4.33 -4.04 13.84
N ALA B 243 4.67 -3.72 12.58
CA ALA B 243 5.79 -2.82 12.32
C ALA B 243 5.51 -1.41 12.83
N LEU B 244 4.27 -0.93 12.61
CA LEU B 244 3.85 0.36 13.12
C LEU B 244 4.00 0.44 14.65
N LYS B 245 3.49 -0.58 15.37
CA LYS B 245 3.70 -0.67 16.82
C LYS B 245 5.16 -0.57 17.23
N LEU B 246 6.00 -1.44 16.67
CA LEU B 246 7.40 -1.45 17.06
C LEU B 246 8.05 -0.09 16.84
N LYS B 247 7.76 0.53 15.70
CA LYS B 247 8.31 1.84 15.39
C LYS B 247 7.79 2.90 16.36
N GLU B 248 6.48 2.88 16.61
CA GLU B 248 5.85 3.92 17.41
C GLU B 248 6.38 3.92 18.84
N ILE B 249 6.56 2.73 19.43
CA ILE B 249 6.87 2.67 20.85
C ILE B 249 8.31 2.26 21.15
N SER B 250 9.05 1.70 20.19
CA SER B 250 10.45 1.36 20.42
C SER B 250 11.42 2.19 19.60
N TYR B 251 10.93 2.96 18.63
CA TYR B 251 11.76 3.79 17.73
C TYR B 251 12.70 2.96 16.87
N ILE B 252 12.39 1.69 16.65
CA ILE B 252 13.10 0.89 15.66
C ILE B 252 12.57 1.22 14.27
N HIS B 253 13.47 1.32 13.29
CA HIS B 253 13.04 1.47 11.90
C HIS B 253 12.44 0.15 11.43
N ALA B 254 11.14 -0.04 11.65
CA ALA B 254 10.47 -1.28 11.29
C ALA B 254 9.64 -1.10 10.02
N GLU B 255 9.77 -2.06 9.11
CA GLU B 255 9.06 -2.07 7.84
C GLU B 255 8.29 -3.38 7.69
N ALA B 256 7.19 -3.35 6.95
CA ALA B 256 6.44 -4.56 6.63
C ALA B 256 6.34 -4.76 5.12
N TYR B 257 6.44 -6.02 4.70
CA TYR B 257 6.28 -6.39 3.30
C TYR B 257 5.40 -7.61 3.15
N ALA B 258 4.67 -7.65 2.03
CA ALA B 258 4.05 -8.90 1.63
C ALA B 258 5.15 -9.91 1.36
N ALA B 259 5.06 -11.08 1.99
CA ALA B 259 6.18 -12.01 2.00
C ALA B 259 6.52 -12.52 0.60
N GLY B 260 5.58 -12.46 -0.35
CA GLY B 260 5.87 -12.82 -1.71
C GLY B 260 6.68 -11.81 -2.50
N GLU B 261 7.01 -10.66 -1.89
CA GLU B 261 7.66 -9.54 -2.59
C GLU B 261 9.04 -9.23 -2.06
N LEU B 262 9.71 -10.20 -1.40
CA LEU B 262 11.08 -9.97 -0.90
C LEU B 262 11.99 -9.59 -2.03
N LYS B 263 11.48 -9.70 -3.22
CA LYS B 263 12.37 -9.81 -4.36
C LYS B 263 12.77 -8.38 -4.81
N HIS B 264 12.01 -7.36 -4.40
CA HIS B 264 12.22 -5.95 -4.77
C HIS B 264 12.70 -5.12 -3.60
N GLY B 265 13.91 -5.39 -3.12
CA GLY B 265 14.47 -4.56 -2.09
C GLY B 265 14.83 -5.29 -0.80
N PRO B 266 13.81 -5.82 -0.10
CA PRO B 266 14.06 -6.32 1.25
C PRO B 266 15.15 -7.37 1.32
N LEU B 267 15.18 -8.30 0.36
CA LEU B 267 16.05 -9.46 0.50
C LEU B 267 17.52 -9.06 0.53
N ALA B 268 17.89 -8.01 -0.21
CA ALA B 268 19.30 -7.59 -0.23
C ALA B 268 19.71 -6.88 1.05
N LEU B 269 18.75 -6.26 1.75
CA LEU B 269 19.02 -5.61 3.02
C LEU B 269 19.03 -6.58 4.20
N ILE B 270 18.68 -7.83 3.98
CA ILE B 270 18.60 -8.80 5.07
C ILE B 270 19.99 -9.35 5.35
N ASP B 271 20.40 -9.28 6.61
CA ASP B 271 21.69 -9.80 7.05
C ASP B 271 21.50 -10.41 8.43
N ALA B 272 22.61 -10.77 9.09
CA ALA B 272 22.52 -11.36 10.41
C ALA B 272 22.06 -10.36 11.48
N ASP B 273 22.19 -9.06 11.23
CA ASP B 273 21.74 -8.03 12.16
C ASP B 273 20.32 -7.54 11.87
N MET B 274 19.60 -8.22 10.97
CA MET B 274 18.24 -7.85 10.62
C MET B 274 17.26 -8.84 11.22
N PRO B 275 16.54 -8.47 12.28
CA PRO B 275 15.49 -9.36 12.77
C PRO B 275 14.27 -9.32 11.86
N VAL B 276 13.74 -10.51 11.54
CA VAL B 276 12.59 -10.64 10.65
C VAL B 276 11.48 -11.36 11.42
N ILE B 277 10.34 -10.68 11.55
CA ILE B 277 9.22 -11.16 12.35
C ILE B 277 8.12 -11.60 11.39
N VAL B 278 7.59 -12.81 11.60
CA VAL B 278 6.63 -13.39 10.69
C VAL B 278 5.45 -13.95 11.48
N VAL B 279 4.24 -13.71 10.99
CA VAL B 279 3.05 -14.40 11.51
C VAL B 279 2.69 -15.51 10.56
N ALA B 280 2.58 -16.73 11.10
CA ALA B 280 2.45 -17.95 10.30
C ALA B 280 1.26 -18.77 10.79
N PRO B 281 0.04 -18.37 10.44
CA PRO B 281 -1.13 -19.21 10.74
C PRO B 281 -1.14 -20.47 9.89
N ASN B 282 -1.88 -21.47 10.39
CA ASN B 282 -2.02 -22.74 9.69
C ASN B 282 -3.16 -22.61 8.69
N ASN B 283 -2.83 -22.15 7.47
CA ASN B 283 -3.82 -22.02 6.38
C ASN B 283 -3.33 -22.44 4.98
N GLU B 284 -4.02 -22.02 3.93
CA GLU B 284 -3.66 -22.39 2.55
C GLU B 284 -2.41 -21.70 1.99
N LEU B 285 -1.99 -20.60 2.59
CA LEU B 285 -0.79 -19.87 2.21
C LEU B 285 0.48 -20.37 2.91
N LEU B 286 0.34 -21.30 3.87
CA LEU B 286 1.45 -21.64 4.75
C LEU B 286 2.65 -22.18 4.00
N GLU B 287 2.42 -23.08 3.03
CA GLU B 287 3.56 -23.64 2.32
C GLU B 287 4.29 -22.57 1.51
N LYS B 288 3.54 -21.69 0.85
CA LYS B 288 4.15 -20.52 0.20
C LYS B 288 4.92 -19.65 1.19
N LEU B 289 4.33 -19.36 2.37
CA LEU B 289 5.02 -18.52 3.34
C LEU B 289 6.32 -19.19 3.83
N LYS B 290 6.30 -20.51 4.02
CA LYS B 290 7.49 -21.22 4.46
C LYS B 290 8.63 -21.07 3.46
N SER B 291 8.31 -21.01 2.17
CA SER B 291 9.37 -20.84 1.19
C SER B 291 9.94 -19.42 1.27
N ASN B 292 9.08 -18.43 1.51
CA ASN B 292 9.58 -17.07 1.74
C ASN B 292 10.45 -17.02 2.99
N ILE B 293 10.03 -17.74 4.04
CA ILE B 293 10.84 -17.79 5.24
C ILE B 293 12.19 -18.43 4.95
N GLU B 294 12.19 -19.51 4.16
CA GLU B 294 13.45 -20.16 3.80
C GLU B 294 14.36 -19.22 3.01
N GLU B 295 13.79 -18.39 2.12
CA GLU B 295 14.61 -17.39 1.44
C GLU B 295 15.30 -16.48 2.44
N VAL B 296 14.58 -16.06 3.48
CA VAL B 296 15.15 -15.18 4.49
C VAL B 296 16.23 -15.91 5.28
N ARG B 297 15.91 -17.12 5.75
CA ARG B 297 16.86 -17.91 6.51
C ARG B 297 18.17 -18.08 5.73
N ALA B 298 18.07 -18.29 4.42
CA ALA B 298 19.25 -18.50 3.59
C ALA B 298 20.09 -17.24 3.44
N ARG B 299 19.46 -16.07 3.60
CA ARG B 299 20.17 -14.79 3.61
C ARG B 299 20.82 -14.49 4.94
N GLY B 300 20.66 -15.36 5.93
CA GLY B 300 21.19 -15.12 7.25
C GLY B 300 20.30 -14.29 8.15
N GLY B 301 19.19 -13.78 7.63
CA GLY B 301 18.24 -13.07 8.46
C GLY B 301 17.87 -13.92 9.65
N GLN B 302 17.61 -13.32 10.80
CA GLN B 302 17.26 -14.11 11.97
C GLN B 302 15.80 -13.91 12.33
N LEU B 303 15.10 -15.03 12.34
CA LEU B 303 13.66 -15.08 12.18
C LEU B 303 13.00 -15.26 13.54
N TYR B 304 11.91 -14.51 13.74
CA TYR B 304 11.05 -14.65 14.91
C TYR B 304 9.68 -14.96 14.31
N VAL B 305 9.29 -16.23 14.38
CA VAL B 305 8.08 -16.70 13.72
C VAL B 305 7.04 -17.03 14.78
N PHE B 306 5.94 -16.28 14.77
CA PHE B 306 4.79 -16.59 15.60
C PHE B 306 3.91 -17.54 14.80
N ALA B 307 3.91 -18.81 15.19
CA ALA B 307 3.41 -19.88 14.33
C ALA B 307 2.41 -20.76 15.05
N ASP B 308 1.37 -21.20 14.33
CA ASP B 308 0.42 -22.16 14.90
C ASP B 308 1.22 -23.39 15.32
N GLN B 309 0.81 -24.02 16.42
CA GLN B 309 1.51 -25.22 16.86
C GLN B 309 1.40 -26.37 15.84
N ASP B 310 0.38 -26.33 14.99
CA ASP B 310 0.23 -27.36 13.96
C ASP B 310 0.79 -26.91 12.60
N ALA B 311 1.55 -25.82 12.58
CA ALA B 311 2.16 -25.38 11.33
C ALA B 311 3.35 -26.23 10.97
N GLY B 312 4.10 -26.70 11.97
CA GLY B 312 5.22 -27.58 11.70
C GLY B 312 6.54 -26.84 11.58
N PHE B 313 6.85 -26.01 12.57
CA PHE B 313 8.10 -25.27 12.56
C PHE B 313 9.00 -25.76 13.68
N VAL B 314 10.29 -25.93 13.38
CA VAL B 314 11.23 -26.33 14.41
C VAL B 314 12.18 -25.17 14.67
N SER B 315 12.35 -24.80 15.94
CA SER B 315 13.31 -23.77 16.28
C SER B 315 14.74 -24.25 16.01
N SER B 316 15.53 -23.36 15.42
CA SER B 316 16.94 -23.59 15.18
C SER B 316 17.72 -22.39 15.69
N ASP B 317 19.00 -22.29 15.29
CA ASP B 317 19.81 -21.17 15.73
C ASP B 317 19.30 -19.85 15.17
N ASN B 318 18.96 -19.82 13.88
CA ASN B 318 18.52 -18.58 13.25
C ASN B 318 17.00 -18.46 13.17
N MET B 319 16.26 -19.50 13.54
CA MET B 319 14.80 -19.45 13.51
C MET B 319 14.26 -19.69 14.90
N HIS B 320 13.64 -18.67 15.47
CA HIS B 320 13.05 -18.73 16.80
C HIS B 320 11.54 -18.80 16.64
N ILE B 321 10.95 -19.92 17.07
CA ILE B 321 9.52 -20.14 16.93
C ILE B 321 8.84 -19.78 18.24
N ILE B 322 7.79 -18.97 18.16
CA ILE B 322 6.89 -18.75 19.28
C ILE B 322 5.61 -19.48 18.96
N GLU B 323 5.36 -20.57 19.68
CA GLU B 323 4.21 -21.45 19.35
C GLU B 323 2.90 -20.79 19.74
N MET B 324 2.00 -20.69 18.82
CA MET B 324 0.64 -20.18 19.03
C MET B 324 -0.34 -21.33 19.17
N PRO B 325 -1.41 -21.17 19.95
CA PRO B 325 -2.48 -22.18 19.94
C PRO B 325 -3.08 -22.30 18.55
N HIS B 326 -3.85 -23.39 18.36
CA HIS B 326 -4.66 -23.48 17.16
C HIS B 326 -5.67 -22.34 17.17
N VAL B 327 -5.87 -21.74 16.01
CA VAL B 327 -6.70 -20.54 15.88
C VAL B 327 -7.67 -20.73 14.72
N GLU B 328 -8.95 -20.51 15.00
CA GLU B 328 -9.95 -20.47 13.94
C GLU B 328 -9.56 -19.43 12.89
N GLU B 329 -9.55 -19.84 11.61
CA GLU B 329 -8.98 -18.99 10.57
C GLU B 329 -9.67 -17.63 10.46
N VAL B 330 -11.00 -17.56 10.69
CA VAL B 330 -11.66 -16.26 10.47
C VAL B 330 -11.16 -15.19 11.44
N ILE B 331 -10.73 -15.56 12.65
CA ILE B 331 -10.23 -14.59 13.64
C ILE B 331 -8.71 -14.53 13.72
N ALA B 332 -8.01 -15.29 12.89
CA ALA B 332 -6.56 -15.31 12.94
C ALA B 332 -5.93 -13.92 12.83
N PRO B 333 -6.39 -13.01 11.94
CA PRO B 333 -5.76 -11.68 11.93
C PRO B 333 -5.91 -10.94 13.25
N ILE B 334 -7.06 -11.10 13.90
CA ILE B 334 -7.26 -10.48 15.21
C ILE B 334 -6.32 -11.12 16.21
N PHE B 335 -6.27 -12.45 16.21
CA PHE B 335 -5.45 -13.17 17.18
C PHE B 335 -3.97 -12.81 17.07
N TYR B 336 -3.41 -12.89 15.85
CA TYR B 336 -1.96 -12.77 15.65
C TYR B 336 -1.46 -11.36 15.89
N THR B 337 -2.35 -10.38 16.01
CA THR B 337 -1.88 -9.05 16.39
C THR B 337 -1.32 -9.03 17.80
N VAL B 338 -1.90 -9.81 18.71
CA VAL B 338 -1.62 -9.61 20.13
C VAL B 338 -0.18 -10.00 20.47
N PRO B 339 0.36 -11.12 19.97
CA PRO B 339 1.78 -11.40 20.26
C PRO B 339 2.72 -10.31 19.74
N LEU B 340 2.37 -9.67 18.61
CA LEU B 340 3.18 -8.58 18.10
C LEU B 340 3.08 -7.35 19.01
N GLN B 341 1.91 -7.14 19.63
CA GLN B 341 1.81 -6.08 20.63
C GLN B 341 2.71 -6.37 21.81
N LEU B 342 2.70 -7.62 22.28
CA LEU B 342 3.56 -8.00 23.39
C LEU B 342 5.04 -7.83 23.03
N LEU B 343 5.41 -8.26 21.82
CA LEU B 343 6.80 -8.07 21.38
C LEU B 343 7.18 -6.60 21.44
N ALA B 344 6.35 -5.74 20.84
CA ALA B 344 6.66 -4.31 20.82
C ALA B 344 6.74 -3.75 22.24
N TYR B 345 5.83 -4.19 23.11
CA TYR B 345 5.86 -3.77 24.51
C TYR B 345 7.20 -4.11 25.15
N HIS B 346 7.65 -5.35 24.98
CA HIS B 346 8.84 -5.80 25.69
C HIS B 346 10.10 -5.19 25.10
N VAL B 347 10.14 -5.02 23.77
CA VAL B 347 11.29 -4.35 23.17
C VAL B 347 11.37 -2.91 23.66
N ALA B 348 10.23 -2.23 23.77
CA ALA B 348 10.22 -0.87 24.28
C ALA B 348 10.80 -0.80 25.70
N LEU B 349 10.34 -1.70 26.57
CA LEU B 349 10.89 -1.74 27.92
C LEU B 349 12.39 -1.97 27.91
N ILE B 350 12.85 -2.90 27.08
CA ILE B 350 14.29 -3.19 27.06
C ILE B 350 15.07 -1.98 26.55
N LYS B 351 14.49 -1.21 25.63
CA LYS B 351 15.12 0.01 25.14
C LYS B 351 15.05 1.16 26.13
N GLY B 352 14.20 1.08 27.15
CA GLY B 352 14.04 2.17 28.10
C GLY B 352 13.03 3.22 27.71
N THR B 353 12.25 2.99 26.66
CA THR B 353 11.21 3.91 26.25
C THR B 353 10.04 3.86 27.23
N ASP B 354 9.30 4.96 27.36
CA ASP B 354 7.99 4.86 27.99
C ASP B 354 7.01 4.12 27.09
N VAL B 355 6.16 3.32 27.72
CA VAL B 355 5.06 2.66 27.04
C VAL B 355 3.72 3.28 27.36
N ASP B 356 3.68 4.23 28.29
CA ASP B 356 2.46 4.88 28.74
C ASP B 356 2.53 6.38 28.48
N GLN B 357 1.40 6.97 28.10
CA GLN B 357 1.31 8.42 27.93
C GLN B 357 1.52 9.11 29.28
#